data_7E9W
#
_entry.id   7E9W
#
_cell.length_a   79.134
_cell.length_b   116.083
_cell.length_c   91.817
_cell.angle_alpha   90.000
_cell.angle_beta   105.083
_cell.angle_gamma   90.000
#
_symmetry.space_group_name_H-M   'P 1 21 1'
#
loop_
_entity.id
_entity.type
_entity.pdbx_description
1 polymer 'D-psicose 3-epimerase'
2 non-polymer 'MANGANESE (II) ION'
3 non-polymer GLYCEROL
4 water water
#
_entity_poly.entity_id   1
_entity_poly.type   'polypeptide(L)'
_entity_poly.pdbx_seq_one_letter_code
;MDYKDDDDKHHHHHHENLYFQGGMKHGIYYAYWEQEWEADYKYYIEKVAKLGFDILEIAASPLPFYSDIQINELKACAHG
NGITLTVGHGPSAEQNLSSPDPDIRKNAKAFYTDLLKRLYKLDVHLIGGALYSYWPIDYTKTIDKKGDWERSVESVREVA
KVAEACGVDFCLEVLNRFENYLINTAQEGVDFVKQVDHNNVKVMLDTFHMNIEEDSIGGAIRTAGSYLGHLHTGECNRKV
PGRGRIPWVEIGEALADIGYNGSVVMEPFVRMGGTVGSNIKVWRDISNGADEKMLDREAQAALDFSRYVLECHKHS
;
_entity_poly.pdbx_strand_id   A,B,C,D
#
# COMPACT_ATOMS: atom_id res chain seq x y z
N MET A 24 -20.48 -3.53 -13.82
CA MET A 24 -19.39 -3.83 -14.78
C MET A 24 -19.48 -5.28 -15.25
N LYS A 25 -19.12 -5.52 -16.51
CA LYS A 25 -19.03 -6.88 -17.12
C LYS A 25 -17.59 -7.40 -16.93
N HIS A 26 -17.46 -8.66 -16.53
CA HIS A 26 -16.17 -9.29 -16.15
C HIS A 26 -15.88 -10.46 -17.08
N GLY A 27 -14.64 -10.52 -17.57
CA GLY A 27 -14.18 -11.58 -18.50
C GLY A 27 -12.87 -12.19 -18.07
N ILE A 28 -12.48 -13.26 -18.76
CA ILE A 28 -11.14 -13.87 -18.67
C ILE A 28 -10.70 -14.26 -20.08
N TYR A 29 -9.39 -14.19 -20.32
CA TYR A 29 -8.73 -14.62 -21.57
C TYR A 29 -8.63 -16.16 -21.53
N TYR A 30 -9.08 -16.82 -22.60
CA TYR A 30 -9.06 -18.31 -22.73
C TYR A 30 -7.65 -18.83 -22.45
N ALA A 31 -6.62 -18.07 -22.82
CA ALA A 31 -5.18 -18.48 -22.81
C ALA A 31 -4.68 -18.79 -21.40
N TYR A 32 -5.42 -18.39 -20.35
CA TYR A 32 -5.18 -18.81 -18.94
C TYR A 32 -5.10 -20.34 -18.85
N TRP A 33 -5.83 -21.04 -19.72
CA TRP A 33 -5.97 -22.52 -19.69
C TRP A 33 -5.14 -23.20 -20.79
N GLU A 34 -4.58 -22.43 -21.73
CA GLU A 34 -4.06 -22.95 -23.02
C GLU A 34 -2.65 -22.42 -23.29
N GLN A 35 -1.82 -23.20 -23.99
CA GLN A 35 -0.39 -22.86 -24.24
C GLN A 35 -0.18 -22.43 -25.70
N GLU A 36 -1.25 -22.31 -26.51
CA GLU A 36 -1.18 -21.82 -27.91
C GLU A 36 -2.22 -20.73 -28.13
N TRP A 37 -2.02 -19.88 -29.16
CA TRP A 37 -2.90 -18.73 -29.48
C TRP A 37 -4.11 -19.19 -30.32
N GLU A 38 -4.64 -20.37 -30.00
CA GLU A 38 -5.94 -20.86 -30.52
C GLU A 38 -6.40 -21.99 -29.59
N ALA A 39 -7.69 -22.31 -29.67
CA ALA A 39 -8.32 -23.40 -28.90
C ALA A 39 -9.75 -23.58 -29.40
N ASP A 40 -10.43 -24.60 -28.90
CA ASP A 40 -11.91 -24.73 -29.01
C ASP A 40 -12.52 -23.68 -28.07
N TYR A 41 -12.83 -22.50 -28.59
CA TYR A 41 -13.41 -21.36 -27.83
C TYR A 41 -14.78 -21.77 -27.26
N LYS A 42 -15.50 -22.69 -27.92
CA LYS A 42 -16.82 -23.17 -27.43
C LYS A 42 -16.65 -23.84 -26.07
N TYR A 43 -15.59 -24.62 -25.89
CA TYR A 43 -15.23 -25.29 -24.61
C TYR A 43 -15.08 -24.22 -23.52
N TYR A 44 -14.40 -23.12 -23.83
CA TYR A 44 -14.12 -22.04 -22.85
C TYR A 44 -15.36 -21.17 -22.65
N ILE A 45 -16.22 -21.01 -23.66
CA ILE A 45 -17.52 -20.29 -23.48
C ILE A 45 -18.32 -21.04 -22.41
N GLU A 46 -18.46 -22.35 -22.54
CA GLU A 46 -19.21 -23.21 -21.59
C GLU A 46 -18.54 -23.14 -20.21
N LYS A 47 -17.22 -23.25 -20.15
CA LYS A 47 -16.48 -23.18 -18.86
C LYS A 47 -16.81 -21.85 -18.16
N VAL A 48 -16.56 -20.72 -18.81
CA VAL A 48 -16.61 -19.39 -18.13
C VAL A 48 -18.07 -19.04 -17.77
N ALA A 49 -19.05 -19.48 -18.57
CA ALA A 49 -20.48 -19.33 -18.24
C ALA A 49 -20.77 -20.03 -16.91
N LYS A 50 -20.28 -21.26 -16.75
CA LYS A 50 -20.43 -22.09 -15.53
C LYS A 50 -19.77 -21.37 -14.34
N LEU A 51 -18.59 -20.78 -14.55
CA LEU A 51 -17.82 -20.11 -13.47
C LEU A 51 -18.48 -18.75 -13.12
N GLY A 52 -19.28 -18.21 -14.04
CA GLY A 52 -20.10 -17.00 -13.79
C GLY A 52 -19.52 -15.74 -14.38
N PHE A 53 -18.59 -15.85 -15.33
CA PHE A 53 -18.05 -14.70 -16.11
C PHE A 53 -19.12 -14.19 -17.07
N ASP A 54 -19.02 -12.92 -17.45
CA ASP A 54 -19.86 -12.26 -18.47
C ASP A 54 -19.21 -12.42 -19.85
N ILE A 55 -17.88 -12.43 -19.89
CA ILE A 55 -17.09 -12.28 -21.14
C ILE A 55 -16.04 -13.39 -21.22
N LEU A 56 -15.83 -13.92 -22.43
CA LEU A 56 -14.62 -14.69 -22.80
C LEU A 56 -13.85 -13.84 -23.80
N GLU A 57 -12.59 -13.55 -23.52
CA GLU A 57 -11.67 -12.98 -24.54
C GLU A 57 -11.04 -14.13 -25.30
N ILE A 58 -10.98 -14.01 -26.62
CA ILE A 58 -10.40 -15.04 -27.54
C ILE A 58 -9.31 -14.36 -28.37
N ALA A 59 -8.33 -15.14 -28.84
CA ALA A 59 -7.26 -14.66 -29.74
C ALA A 59 -7.79 -14.62 -31.17
N ALA A 60 -7.47 -13.54 -31.89
CA ALA A 60 -7.86 -13.29 -33.30
C ALA A 60 -7.23 -14.34 -34.23
N SER A 61 -6.02 -14.82 -33.91
CA SER A 61 -5.13 -15.63 -34.77
C SER A 61 -5.89 -16.65 -35.63
N PRO A 62 -6.71 -17.56 -35.04
CA PRO A 62 -7.39 -18.58 -35.85
C PRO A 62 -8.60 -18.07 -36.66
N LEU A 63 -9.13 -16.88 -36.34
CA LEU A 63 -10.44 -16.39 -36.87
C LEU A 63 -10.43 -16.24 -38.39
N PRO A 64 -9.32 -15.80 -39.03
CA PRO A 64 -9.28 -15.73 -40.50
C PRO A 64 -9.45 -17.08 -41.20
N PHE A 65 -9.30 -18.19 -40.47
CA PHE A 65 -9.39 -19.58 -41.00
C PHE A 65 -10.72 -20.23 -40.57
N TYR A 66 -11.68 -19.45 -40.07
CA TYR A 66 -13.06 -19.93 -39.75
C TYR A 66 -13.95 -19.75 -40.99
N SER A 67 -14.65 -20.81 -41.38
CA SER A 67 -15.73 -20.76 -42.41
C SER A 67 -16.90 -19.94 -41.84
N ASP A 68 -17.83 -19.49 -42.68
CA ASP A 68 -19.02 -18.73 -42.23
C ASP A 68 -19.75 -19.55 -41.15
N ILE A 69 -19.98 -20.85 -41.38
CA ILE A 69 -20.77 -21.68 -40.44
C ILE A 69 -20.01 -21.84 -39.13
N GLN A 70 -18.67 -21.88 -39.16
CA GLN A 70 -17.83 -21.94 -37.93
C GLN A 70 -18.00 -20.63 -37.14
N ILE A 71 -18.03 -19.49 -37.84
CA ILE A 71 -18.29 -18.16 -37.20
C ILE A 71 -19.68 -18.19 -36.56
N ASN A 72 -20.70 -18.62 -37.30
CA ASN A 72 -22.12 -18.62 -36.83
C ASN A 72 -22.27 -19.54 -35.62
N GLU A 73 -21.60 -20.70 -35.64
CA GLU A 73 -21.56 -21.67 -34.52
C GLU A 73 -20.98 -21.01 -33.26
N LEU A 74 -19.82 -20.37 -33.38
CA LEU A 74 -19.13 -19.72 -32.25
C LEU A 74 -20.05 -18.65 -31.66
N LYS A 75 -20.57 -17.77 -32.53
CA LYS A 75 -21.53 -16.69 -32.16
C LYS A 75 -22.72 -17.28 -31.41
N ALA A 76 -23.34 -18.33 -31.95
CA ALA A 76 -24.55 -18.96 -31.36
C ALA A 76 -24.18 -19.55 -29.99
N CYS A 77 -23.02 -20.19 -29.88
CA CYS A 77 -22.53 -20.78 -28.61
C CYS A 77 -22.45 -19.68 -27.54
N ALA A 78 -21.75 -18.59 -27.84
CA ALA A 78 -21.62 -17.40 -26.95
C ALA A 78 -23.01 -16.89 -26.55
N HIS A 79 -23.88 -16.62 -27.52
CA HIS A 79 -25.21 -16.00 -27.29
C HIS A 79 -26.03 -16.89 -26.34
N GLY A 80 -26.15 -18.17 -26.69
CA GLY A 80 -26.93 -19.17 -25.94
C GLY A 80 -26.44 -19.32 -24.51
N ASN A 81 -25.14 -19.12 -24.26
CA ASN A 81 -24.53 -19.26 -22.90
C ASN A 81 -24.48 -17.91 -22.18
N GLY A 82 -25.06 -16.85 -22.76
CA GLY A 82 -25.10 -15.50 -22.16
C GLY A 82 -23.70 -14.92 -22.04
N ILE A 83 -22.80 -15.32 -22.94
CA ILE A 83 -21.38 -14.89 -22.90
C ILE A 83 -21.16 -13.91 -24.06
N THR A 84 -20.49 -12.80 -23.76
CA THR A 84 -20.00 -11.81 -24.76
C THR A 84 -18.55 -12.14 -25.10
N LEU A 85 -18.21 -12.19 -26.39
CA LEU A 85 -16.82 -12.44 -26.87
C LEU A 85 -16.13 -11.10 -27.08
N THR A 86 -14.93 -10.94 -26.52
CA THR A 86 -13.96 -9.89 -26.91
C THR A 86 -12.76 -10.56 -27.58
N VAL A 87 -12.02 -9.80 -28.37
CA VAL A 87 -10.89 -10.32 -29.18
C VAL A 87 -9.61 -9.56 -28.80
N GLY A 88 -8.56 -10.30 -28.48
CA GLY A 88 -7.18 -9.79 -28.37
C GLY A 88 -6.38 -10.20 -29.58
N HIS A 89 -5.46 -9.36 -30.04
CA HIS A 89 -4.53 -9.68 -31.16
C HIS A 89 -3.14 -9.11 -30.89
N GLY A 90 -2.14 -9.97 -30.98
CA GLY A 90 -0.72 -9.63 -31.12
C GLY A 90 -0.36 -9.62 -32.60
N PRO A 91 -0.30 -8.44 -33.27
CA PRO A 91 -0.07 -8.41 -34.71
C PRO A 91 1.32 -8.97 -35.05
N SER A 92 1.43 -9.70 -36.15
CA SER A 92 2.72 -10.17 -36.73
C SER A 92 3.46 -8.97 -37.32
N ALA A 93 4.74 -9.11 -37.61
CA ALA A 93 5.56 -8.12 -38.34
C ALA A 93 4.86 -7.74 -39.66
N GLU A 94 4.19 -8.70 -40.30
CA GLU A 94 3.52 -8.54 -41.62
C GLU A 94 2.19 -7.78 -41.47
N GLN A 95 1.71 -7.57 -40.23
CA GLN A 95 0.44 -6.85 -39.94
C GLN A 95 0.74 -5.51 -39.24
N ASN A 96 1.99 -5.04 -39.34
CA ASN A 96 2.51 -3.85 -38.61
C ASN A 96 2.04 -2.57 -39.30
N LEU A 97 0.98 -1.94 -38.79
CA LEU A 97 0.39 -0.70 -39.35
C LEU A 97 1.36 0.49 -39.26
N SER A 98 2.44 0.38 -38.46
CA SER A 98 3.44 1.44 -38.23
C SER A 98 4.62 1.31 -39.21
N SER A 99 4.68 0.24 -39.99
CA SER A 99 5.86 -0.16 -40.81
C SER A 99 6.24 0.97 -41.76
N PRO A 100 7.55 1.27 -41.94
CA PRO A 100 7.98 2.22 -42.98
C PRO A 100 7.73 1.65 -44.39
N ASP A 101 7.70 0.32 -44.52
CA ASP A 101 7.44 -0.41 -45.80
C ASP A 101 5.97 -0.25 -46.17
N PRO A 102 5.64 0.50 -47.25
CA PRO A 102 4.24 0.71 -47.66
C PRO A 102 3.48 -0.59 -48.02
N ASP A 103 4.19 -1.62 -48.48
CA ASP A 103 3.59 -2.95 -48.83
C ASP A 103 3.08 -3.64 -47.56
N ILE A 104 3.83 -3.55 -46.46
CA ILE A 104 3.45 -4.15 -45.16
C ILE A 104 2.22 -3.40 -44.64
N ARG A 105 2.20 -2.06 -44.73
CA ARG A 105 1.05 -1.22 -44.31
C ARG A 105 -0.19 -1.60 -45.12
N LYS A 106 -0.05 -1.78 -46.44
CA LYS A 106 -1.16 -2.17 -47.34
C LYS A 106 -1.71 -3.54 -46.92
N ASN A 107 -0.82 -4.51 -46.72
CA ASN A 107 -1.19 -5.92 -46.35
C ASN A 107 -1.82 -5.92 -44.96
N ALA A 108 -1.28 -5.11 -44.05
CA ALA A 108 -1.77 -4.97 -42.66
C ALA A 108 -3.22 -4.49 -42.69
N LYS A 109 -3.52 -3.46 -43.49
CA LYS A 109 -4.88 -2.86 -43.60
C LYS A 109 -5.84 -3.88 -44.19
N ALA A 110 -5.41 -4.65 -45.19
CA ALA A 110 -6.21 -5.71 -45.83
C ALA A 110 -6.51 -6.80 -44.78
N PHE A 111 -5.52 -7.18 -43.99
CA PHE A 111 -5.67 -8.17 -42.88
C PHE A 111 -6.73 -7.68 -41.89
N TYR A 112 -6.62 -6.44 -41.40
CA TYR A 112 -7.54 -5.88 -40.37
C TYR A 112 -8.94 -5.75 -40.97
N THR A 113 -9.04 -5.33 -42.24
CA THR A 113 -10.33 -5.14 -42.94
C THR A 113 -11.07 -6.48 -42.95
N ASP A 114 -10.41 -7.55 -43.39
CA ASP A 114 -10.98 -8.93 -43.39
C ASP A 114 -11.35 -9.34 -41.96
N LEU A 115 -10.43 -9.15 -41.00
CA LEU A 115 -10.63 -9.57 -39.60
C LEU A 115 -11.88 -8.89 -39.03
N LEU A 116 -11.98 -7.57 -39.22
CA LEU A 116 -13.09 -6.74 -38.70
C LEU A 116 -14.42 -7.21 -39.30
N LYS A 117 -14.45 -7.58 -40.58
CA LYS A 117 -15.66 -8.16 -41.23
C LYS A 117 -16.01 -9.51 -40.59
N ARG A 118 -14.99 -10.30 -40.23
CA ARG A 118 -15.21 -11.59 -39.52
C ARG A 118 -15.78 -11.31 -38.13
N LEU A 119 -15.28 -10.28 -37.44
CA LEU A 119 -15.79 -9.85 -36.09
C LEU A 119 -17.26 -9.41 -36.22
N TYR A 120 -17.61 -8.70 -37.30
CA TYR A 120 -19.02 -8.36 -37.62
C TYR A 120 -19.86 -9.64 -37.71
N LYS A 121 -19.41 -10.63 -38.48
CA LYS A 121 -20.12 -11.94 -38.60
C LYS A 121 -20.22 -12.59 -37.21
N LEU A 122 -19.19 -12.46 -36.38
CA LEU A 122 -19.14 -13.10 -35.03
C LEU A 122 -19.98 -12.32 -34.00
N ASP A 123 -20.46 -11.12 -34.33
CA ASP A 123 -21.18 -10.20 -33.40
C ASP A 123 -20.24 -9.80 -32.26
N VAL A 124 -18.96 -9.56 -32.57
CA VAL A 124 -17.94 -9.02 -31.64
C VAL A 124 -17.83 -7.51 -31.90
N HIS A 125 -17.67 -6.73 -30.84
CA HIS A 125 -17.71 -5.24 -30.88
C HIS A 125 -16.50 -4.63 -30.19
N LEU A 126 -15.50 -5.44 -29.84
CA LEU A 126 -14.25 -4.95 -29.19
C LEU A 126 -13.08 -5.82 -29.68
N ILE A 127 -12.04 -5.17 -30.21
CA ILE A 127 -10.70 -5.78 -30.42
C ILE A 127 -9.67 -4.94 -29.66
N GLY A 128 -8.69 -5.60 -29.05
CA GLY A 128 -7.66 -4.95 -28.23
C GLY A 128 -6.30 -5.57 -28.46
N GLY A 129 -5.25 -4.79 -28.21
CA GLY A 129 -3.84 -5.24 -28.29
C GLY A 129 -2.96 -4.12 -28.80
N ALA A 130 -1.74 -4.44 -29.20
CA ALA A 130 -0.78 -3.47 -29.77
C ALA A 130 -1.11 -3.26 -31.25
N LEU A 131 -2.34 -2.80 -31.53
CA LEU A 131 -2.92 -2.75 -32.90
C LEU A 131 -2.30 -1.60 -33.71
N TYR A 132 -1.60 -0.69 -33.02
CA TYR A 132 -0.84 0.45 -33.59
C TYR A 132 0.55 0.00 -34.06
N SER A 133 0.94 -1.25 -33.76
CA SER A 133 2.31 -1.78 -33.91
C SER A 133 2.24 -3.27 -34.22
N TYR A 134 3.12 -4.07 -33.61
CA TYR A 134 3.08 -5.56 -33.67
C TYR A 134 3.62 -6.09 -32.34
N TRP A 135 3.46 -7.39 -32.12
CA TRP A 135 3.79 -8.04 -30.83
C TRP A 135 3.88 -9.54 -31.06
N PRO A 136 4.95 -10.22 -30.60
CA PRO A 136 6.12 -9.56 -30.00
C PRO A 136 6.92 -8.79 -31.07
N ILE A 137 7.75 -7.83 -30.66
CA ILE A 137 8.59 -7.04 -31.61
C ILE A 137 10.02 -7.59 -31.59
N ASP A 138 10.73 -7.34 -32.69
CA ASP A 138 12.20 -7.52 -32.83
C ASP A 138 12.86 -6.23 -32.34
N TYR A 139 13.52 -6.27 -31.18
CA TYR A 139 14.13 -5.09 -30.50
C TYR A 139 15.58 -4.87 -30.98
N THR A 140 16.11 -5.77 -31.83
CA THR A 140 17.48 -5.64 -32.41
C THR A 140 17.47 -4.61 -33.55
N LYS A 141 16.30 -4.35 -34.13
CA LYS A 141 16.09 -3.32 -35.19
C LYS A 141 16.34 -1.92 -34.63
N THR A 142 16.94 -1.02 -35.43
CA THR A 142 17.07 0.42 -35.10
C THR A 142 15.66 1.00 -34.96
N ILE A 143 15.37 1.61 -33.80
CA ILE A 143 14.02 2.14 -33.44
C ILE A 143 13.88 3.55 -34.00
N ASP A 144 12.79 3.80 -34.75
CA ASP A 144 12.37 5.15 -35.23
C ASP A 144 10.98 5.44 -34.66
N LYS A 145 10.93 5.84 -33.38
CA LYS A 145 9.66 6.07 -32.64
C LYS A 145 8.86 7.17 -33.33
N LYS A 146 9.51 8.29 -33.66
CA LYS A 146 8.88 9.47 -34.29
C LYS A 146 8.17 9.02 -35.59
N GLY A 147 8.91 8.38 -36.49
CA GLY A 147 8.41 7.93 -37.80
C GLY A 147 7.29 6.90 -37.67
N ASP A 148 7.48 5.87 -36.85
CA ASP A 148 6.49 4.78 -36.62
C ASP A 148 5.20 5.38 -36.07
N TRP A 149 5.31 6.32 -35.14
CA TRP A 149 4.18 7.04 -34.49
C TRP A 149 3.34 7.75 -35.57
N GLU A 150 3.97 8.50 -36.47
CA GLU A 150 3.28 9.31 -37.52
C GLU A 150 2.54 8.37 -38.45
N ARG A 151 3.21 7.32 -38.93
CA ARG A 151 2.62 6.30 -39.83
C ARG A 151 1.47 5.59 -39.12
N SER A 152 1.66 5.18 -37.86
CA SER A 152 0.67 4.43 -37.06
C SER A 152 -0.62 5.25 -36.93
N VAL A 153 -0.51 6.52 -36.51
CA VAL A 153 -1.69 7.43 -36.33
C VAL A 153 -2.50 7.41 -37.63
N GLU A 154 -1.81 7.59 -38.77
CA GLU A 154 -2.41 7.59 -40.13
C GLU A 154 -3.08 6.24 -40.42
N SER A 155 -2.31 5.15 -40.32
CA SER A 155 -2.79 3.77 -40.56
C SER A 155 -4.03 3.47 -39.69
N VAL A 156 -3.92 3.72 -38.38
CA VAL A 156 -4.96 3.35 -37.38
C VAL A 156 -6.25 4.13 -37.71
N ARG A 157 -6.10 5.42 -38.06
CA ARG A 157 -7.25 6.29 -38.43
C ARG A 157 -8.03 5.63 -39.58
N GLU A 158 -7.32 5.08 -40.57
CA GLU A 158 -7.92 4.42 -41.76
C GLU A 158 -8.63 3.12 -41.35
N VAL A 159 -7.97 2.29 -40.53
CA VAL A 159 -8.54 0.97 -40.09
C VAL A 159 -9.74 1.24 -39.19
N ALA A 160 -9.67 2.30 -38.38
CA ALA A 160 -10.72 2.74 -37.44
C ALA A 160 -12.04 2.96 -38.18
N LYS A 161 -12.00 3.50 -39.40
CA LYS A 161 -13.19 3.75 -40.25
C LYS A 161 -13.83 2.42 -40.61
N VAL A 162 -13.03 1.39 -40.90
CA VAL A 162 -13.54 0.01 -41.18
C VAL A 162 -14.14 -0.56 -39.89
N ALA A 163 -13.42 -0.45 -38.76
CA ALA A 163 -13.89 -0.90 -37.43
C ALA A 163 -15.26 -0.26 -37.14
N GLU A 164 -15.39 1.05 -37.33
CA GLU A 164 -16.65 1.80 -37.06
C GLU A 164 -17.80 1.21 -37.89
N ALA A 165 -17.58 0.99 -39.19
CA ALA A 165 -18.57 0.41 -40.13
C ALA A 165 -19.00 -0.99 -39.65
N CYS A 166 -18.10 -1.73 -38.99
CA CYS A 166 -18.32 -3.13 -38.51
C CYS A 166 -18.87 -3.14 -37.08
N GLY A 167 -19.01 -1.98 -36.44
CA GLY A 167 -19.51 -1.85 -35.05
C GLY A 167 -18.48 -2.33 -34.03
N VAL A 168 -17.20 -2.09 -34.30
CA VAL A 168 -16.06 -2.57 -33.46
C VAL A 168 -15.32 -1.36 -32.88
N ASP A 169 -15.16 -1.34 -31.55
CA ASP A 169 -14.22 -0.47 -30.81
C ASP A 169 -12.79 -1.02 -30.99
N PHE A 170 -11.90 -0.17 -31.47
CA PHE A 170 -10.47 -0.47 -31.76
C PHE A 170 -9.65 0.05 -30.58
N CYS A 171 -9.27 -0.84 -29.68
CA CYS A 171 -8.64 -0.52 -28.36
C CYS A 171 -7.13 -0.71 -28.45
N LEU A 172 -6.38 0.35 -28.15
CA LEU A 172 -4.91 0.41 -28.24
C LEU A 172 -4.34 0.15 -26.85
N GLU A 173 -3.68 -1.01 -26.70
CA GLU A 173 -3.10 -1.47 -25.42
C GLU A 173 -1.83 -0.67 -25.11
N VAL A 174 -1.77 -0.04 -23.94
CA VAL A 174 -0.55 0.58 -23.38
C VAL A 174 0.33 -0.55 -22.80
N LEU A 175 1.55 -0.69 -23.30
CA LEU A 175 2.46 -1.84 -22.98
C LEU A 175 3.69 -1.32 -22.25
N ASN A 176 4.32 -2.18 -21.47
CA ASN A 176 5.60 -1.88 -20.78
C ASN A 176 6.71 -1.82 -21.83
N ARG A 177 7.81 -1.15 -21.49
CA ARG A 177 8.95 -0.84 -22.39
C ARG A 177 9.55 -2.10 -23.01
N PHE A 178 9.44 -3.26 -22.34
CA PHE A 178 10.07 -4.51 -22.80
C PHE A 178 9.30 -5.12 -23.98
N GLU A 179 8.05 -4.70 -24.21
CA GLU A 179 7.16 -5.32 -25.23
C GLU A 179 6.91 -4.37 -26.39
N ASN A 180 7.00 -3.05 -26.19
CA ASN A 180 6.92 -2.05 -27.28
C ASN A 180 7.51 -0.71 -26.83
N TYR A 181 7.78 0.18 -27.78
CA TYR A 181 8.45 1.50 -27.56
C TYR A 181 7.50 2.66 -27.86
N LEU A 182 6.38 2.42 -28.55
CA LEU A 182 5.48 3.50 -29.04
C LEU A 182 4.65 4.07 -27.89
N ILE A 183 3.95 3.21 -27.14
CA ILE A 183 2.97 3.66 -26.10
C ILE A 183 3.23 2.86 -24.81
N ASN A 184 3.86 3.50 -23.82
CA ASN A 184 4.30 2.87 -22.55
C ASN A 184 3.49 3.40 -21.36
N THR A 185 2.82 4.54 -21.49
CA THR A 185 2.05 5.18 -20.38
C THR A 185 0.65 5.54 -20.87
N ALA A 186 -0.29 5.68 -19.94
CA ALA A 186 -1.68 6.13 -20.20
C ALA A 186 -1.66 7.47 -20.94
N GLN A 187 -0.77 8.37 -20.53
CA GLN A 187 -0.61 9.72 -21.13
C GLN A 187 -0.25 9.57 -22.61
N GLU A 188 0.72 8.71 -22.93
CA GLU A 188 1.13 8.46 -24.34
C GLU A 188 -0.06 7.87 -25.12
N GLY A 189 -0.79 6.93 -24.49
CA GLY A 189 -1.99 6.34 -25.08
C GLY A 189 -2.99 7.42 -25.46
N VAL A 190 -3.28 8.31 -24.51
CA VAL A 190 -4.24 9.45 -24.68
C VAL A 190 -3.73 10.34 -25.83
N ASP A 191 -2.44 10.69 -25.84
CA ASP A 191 -1.82 11.54 -26.89
C ASP A 191 -2.06 10.90 -28.26
N PHE A 192 -1.82 9.59 -28.38
CA PHE A 192 -1.94 8.84 -29.65
C PHE A 192 -3.41 8.84 -30.09
N VAL A 193 -4.32 8.48 -29.18
CA VAL A 193 -5.77 8.36 -29.48
C VAL A 193 -6.35 9.74 -29.82
N LYS A 194 -5.87 10.80 -29.19
CA LYS A 194 -6.29 12.20 -29.51
C LYS A 194 -5.87 12.53 -30.94
N GLN A 195 -4.64 12.20 -31.33
CA GLN A 195 -4.10 12.46 -32.69
C GLN A 195 -4.91 11.66 -33.72
N VAL A 196 -5.17 10.38 -33.46
CA VAL A 196 -6.01 9.51 -34.35
C VAL A 196 -7.35 10.23 -34.55
N ASP A 197 -7.97 10.69 -33.45
CA ASP A 197 -9.19 11.53 -33.46
C ASP A 197 -10.33 10.78 -34.16
N HIS A 198 -10.58 9.54 -33.75
CA HIS A 198 -11.75 8.73 -34.19
C HIS A 198 -12.43 8.15 -32.94
N ASN A 199 -13.76 8.28 -32.86
CA ASN A 199 -14.59 8.00 -31.64
C ASN A 199 -14.45 6.54 -31.19
N ASN A 200 -14.30 5.60 -32.12
CA ASN A 200 -14.27 4.14 -31.82
C ASN A 200 -12.84 3.67 -31.54
N VAL A 201 -11.86 4.58 -31.53
CA VAL A 201 -10.45 4.27 -31.13
C VAL A 201 -10.26 4.70 -29.67
N LYS A 202 -9.82 3.75 -28.84
CA LYS A 202 -9.84 3.88 -27.36
C LYS A 202 -8.47 3.49 -26.82
N VAL A 203 -8.14 3.99 -25.63
CA VAL A 203 -6.99 3.52 -24.81
C VAL A 203 -7.44 2.25 -24.07
N MET A 204 -6.54 1.27 -24.00
CA MET A 204 -6.73 0.06 -23.17
C MET A 204 -5.56 0.00 -22.18
N LEU A 205 -5.87 -0.01 -20.89
CA LEU A 205 -4.85 -0.11 -19.82
C LEU A 205 -4.85 -1.54 -19.30
N ASP A 206 -3.71 -1.96 -18.75
CA ASP A 206 -3.47 -3.33 -18.26
C ASP A 206 -2.71 -3.20 -16.94
N THR A 207 -3.24 -3.75 -15.85
CA THR A 207 -2.64 -3.64 -14.50
C THR A 207 -1.21 -4.17 -14.52
N PHE A 208 -0.92 -5.20 -15.32
CA PHE A 208 0.45 -5.76 -15.48
C PHE A 208 1.39 -4.69 -16.06
N HIS A 209 0.95 -3.98 -17.10
CA HIS A 209 1.78 -2.99 -17.84
C HIS A 209 1.89 -1.68 -17.02
N MET A 210 0.79 -1.20 -16.43
CA MET A 210 0.77 0.01 -15.57
C MET A 210 1.73 -0.19 -14.39
N ASN A 211 1.77 -1.41 -13.84
CA ASN A 211 2.58 -1.75 -12.63
C ASN A 211 4.06 -1.40 -12.86
N ILE A 212 4.52 -1.46 -14.12
CA ILE A 212 5.92 -1.17 -14.49
C ILE A 212 6.07 0.34 -14.75
N GLU A 213 5.25 0.92 -15.62
CA GLU A 213 5.57 2.21 -16.29
C GLU A 213 4.97 3.42 -15.58
N GLU A 214 3.90 3.25 -14.79
CA GLU A 214 3.10 4.40 -14.27
C GLU A 214 3.65 4.88 -12.92
N ASP A 215 3.68 6.20 -12.73
CA ASP A 215 3.96 6.82 -11.40
C ASP A 215 2.82 6.45 -10.45
N SER A 216 1.58 6.49 -10.95
CA SER A 216 0.32 6.34 -10.18
C SER A 216 -0.65 5.47 -10.98
N ILE A 217 -1.25 4.46 -10.35
CA ILE A 217 -2.24 3.55 -11.01
C ILE A 217 -3.56 4.31 -11.14
N GLY A 218 -4.08 4.83 -10.02
CA GLY A 218 -5.28 5.69 -10.02
C GLY A 218 -5.10 6.88 -10.95
N GLY A 219 -3.93 7.52 -10.89
CA GLY A 219 -3.57 8.65 -11.78
C GLY A 219 -3.65 8.27 -13.24
N ALA A 220 -3.08 7.13 -13.61
CA ALA A 220 -3.07 6.60 -15.00
C ALA A 220 -4.51 6.45 -15.50
N ILE A 221 -5.36 5.82 -14.68
CA ILE A 221 -6.80 5.58 -15.01
C ILE A 221 -7.50 6.93 -15.20
N ARG A 222 -7.24 7.91 -14.31
CA ARG A 222 -7.88 9.24 -14.37
C ARG A 222 -7.33 10.01 -15.59
N THR A 223 -6.05 9.84 -15.93
CA THR A 223 -5.46 10.38 -17.19
C THR A 223 -6.20 9.83 -18.41
N ALA A 224 -6.46 8.51 -18.45
CA ALA A 224 -7.19 7.84 -19.57
C ALA A 224 -8.61 8.43 -19.67
N GLY A 225 -9.33 8.48 -18.56
CA GLY A 225 -10.64 9.14 -18.45
C GLY A 225 -11.62 8.59 -19.46
N SER A 226 -12.22 9.46 -20.26
CA SER A 226 -13.27 9.10 -21.26
C SER A 226 -12.69 8.28 -22.40
N TYR A 227 -11.36 8.23 -22.54
CA TYR A 227 -10.64 7.49 -23.61
C TYR A 227 -10.47 6.01 -23.24
N LEU A 228 -10.66 5.64 -21.97
CA LEU A 228 -10.49 4.24 -21.50
C LEU A 228 -11.64 3.40 -22.05
N GLY A 229 -11.37 2.51 -23.00
CA GLY A 229 -12.39 1.67 -23.64
C GLY A 229 -12.35 0.22 -23.17
N HIS A 230 -11.27 -0.20 -22.51
CA HIS A 230 -11.09 -1.61 -22.04
C HIS A 230 -9.99 -1.67 -20.97
N LEU A 231 -10.12 -2.60 -20.02
CA LEU A 231 -9.15 -2.82 -18.92
C LEU A 231 -8.82 -4.31 -18.84
N HIS A 232 -7.53 -4.65 -18.92
CA HIS A 232 -6.97 -5.99 -18.63
C HIS A 232 -6.47 -6.01 -17.19
N THR A 233 -6.70 -7.11 -16.49
CA THR A 233 -6.29 -7.26 -15.07
C THR A 233 -5.43 -8.51 -14.91
N GLY A 234 -4.62 -8.49 -13.87
CA GLY A 234 -3.62 -9.51 -13.55
C GLY A 234 -2.69 -8.97 -12.51
N GLU A 235 -2.19 -9.83 -11.62
CA GLU A 235 -1.24 -9.40 -10.58
C GLU A 235 0.06 -9.00 -11.28
N CYS A 236 1.00 -8.44 -10.52
CA CYS A 236 2.31 -7.96 -10.98
C CYS A 236 3.02 -9.02 -11.83
N ASN A 237 2.91 -10.29 -11.41
CA ASN A 237 3.59 -11.45 -12.07
C ASN A 237 2.56 -12.27 -12.85
N ARG A 238 1.37 -11.69 -13.09
CA ARG A 238 0.32 -12.19 -14.01
C ARG A 238 -0.48 -13.33 -13.40
N LYS A 239 -0.47 -13.47 -12.07
CA LYS A 239 -1.42 -14.37 -11.36
C LYS A 239 -2.82 -13.78 -11.46
N VAL A 240 -3.84 -14.57 -11.12
CA VAL A 240 -5.25 -14.06 -11.08
C VAL A 240 -5.31 -12.92 -10.06
N PRO A 241 -6.15 -11.89 -10.29
CA PRO A 241 -6.29 -10.79 -9.35
C PRO A 241 -6.64 -11.24 -7.93
N GLY A 242 -5.96 -10.67 -6.92
CA GLY A 242 -6.46 -10.66 -5.53
C GLY A 242 -5.40 -10.78 -4.47
N ARG A 243 -4.40 -11.66 -4.65
CA ARG A 243 -3.47 -12.07 -3.58
C ARG A 243 -2.06 -11.51 -3.83
N GLY A 244 -1.92 -10.61 -4.80
CA GLY A 244 -0.63 -9.96 -5.13
C GLY A 244 -0.63 -8.50 -4.69
N ARG A 245 0.17 -7.66 -5.34
CA ARG A 245 0.45 -6.27 -4.87
C ARG A 245 -0.29 -5.22 -5.70
N ILE A 246 -1.07 -5.60 -6.72
CA ILE A 246 -1.85 -4.60 -7.53
C ILE A 246 -2.84 -3.90 -6.59
N PRO A 247 -2.91 -2.55 -6.60
CA PRO A 247 -3.83 -1.83 -5.71
C PRO A 247 -5.26 -1.79 -6.25
N TRP A 248 -5.99 -2.88 -6.07
CA TRP A 248 -7.34 -3.12 -6.65
C TRP A 248 -8.34 -2.07 -6.16
N VAL A 249 -8.28 -1.72 -4.88
CA VAL A 249 -9.22 -0.73 -4.25
C VAL A 249 -9.01 0.60 -4.95
N GLU A 250 -7.76 1.04 -5.08
CA GLU A 250 -7.38 2.29 -5.80
C GLU A 250 -7.91 2.25 -7.24
N ILE A 251 -7.83 1.08 -7.90
CA ILE A 251 -8.32 0.92 -9.30
C ILE A 251 -9.84 1.10 -9.30
N GLY A 252 -10.56 0.42 -8.41
CA GLY A 252 -12.02 0.56 -8.24
C GLY A 252 -12.40 2.03 -8.10
N GLU A 253 -11.72 2.75 -7.22
CA GLU A 253 -11.98 4.18 -6.93
C GLU A 253 -11.78 5.03 -8.20
N ALA A 254 -10.68 4.80 -8.93
CA ALA A 254 -10.34 5.58 -10.14
C ALA A 254 -11.36 5.30 -11.25
N LEU A 255 -11.78 4.03 -11.43
CA LEU A 255 -12.81 3.64 -12.44
C LEU A 255 -14.11 4.37 -12.11
N ALA A 256 -14.47 4.47 -10.82
CA ALA A 256 -15.67 5.19 -10.35
C ALA A 256 -15.50 6.69 -10.65
N ASP A 257 -14.32 7.25 -10.40
CA ASP A 257 -14.02 8.69 -10.65
C ASP A 257 -14.24 9.02 -12.13
N ILE A 258 -13.88 8.13 -13.06
CA ILE A 258 -13.97 8.42 -14.54
C ILE A 258 -15.30 7.90 -15.10
N GLY A 259 -16.17 7.35 -14.26
CA GLY A 259 -17.46 6.77 -14.66
C GLY A 259 -17.30 5.62 -15.65
N TYR A 260 -16.27 4.79 -15.48
CA TYR A 260 -15.91 3.74 -16.47
C TYR A 260 -17.15 2.91 -16.84
N ASN A 261 -17.45 2.84 -18.14
CA ASN A 261 -18.65 2.16 -18.73
C ASN A 261 -18.26 0.79 -19.30
N GLY A 262 -16.97 0.59 -19.61
CA GLY A 262 -16.48 -0.61 -20.32
C GLY A 262 -16.44 -1.85 -19.43
N SER A 263 -15.71 -2.87 -19.88
CA SER A 263 -15.63 -4.20 -19.23
C SER A 263 -14.23 -4.40 -18.64
N VAL A 264 -14.07 -5.44 -17.82
CA VAL A 264 -12.81 -5.77 -17.11
C VAL A 264 -12.49 -7.24 -17.40
N VAL A 265 -11.43 -7.50 -18.15
CA VAL A 265 -11.07 -8.88 -18.56
C VAL A 265 -9.73 -9.21 -17.89
N MET A 266 -9.70 -10.27 -17.08
CA MET A 266 -8.46 -10.73 -16.43
C MET A 266 -7.67 -11.59 -17.43
N GLU A 267 -6.35 -11.41 -17.42
CA GLU A 267 -5.41 -12.00 -18.40
C GLU A 267 -4.31 -12.72 -17.63
N PRO A 268 -4.66 -13.72 -16.80
CA PRO A 268 -3.67 -14.39 -15.97
C PRO A 268 -2.93 -15.42 -16.85
N PHE A 269 -1.62 -15.53 -16.65
CA PHE A 269 -0.72 -16.50 -17.30
C PHE A 269 0.16 -17.11 -16.21
N VAL A 270 -0.02 -18.40 -15.92
CA VAL A 270 0.64 -19.07 -14.76
C VAL A 270 1.32 -20.37 -15.20
N ARG A 271 1.26 -20.73 -16.48
CA ARG A 271 1.77 -22.03 -16.99
C ARG A 271 2.91 -21.82 -17.98
N MET A 272 3.96 -22.61 -17.80
CA MET A 272 5.10 -22.76 -18.76
C MET A 272 4.62 -23.56 -19.97
N GLY A 273 5.33 -23.47 -21.10
CA GLY A 273 5.14 -24.38 -22.24
C GLY A 273 4.50 -23.69 -23.43
N GLY A 274 4.94 -24.06 -24.63
CA GLY A 274 4.35 -23.66 -25.92
C GLY A 274 4.60 -22.20 -26.21
N THR A 275 3.90 -21.67 -27.22
CA THR A 275 4.06 -20.29 -27.74
C THR A 275 3.62 -19.29 -26.67
N VAL A 276 2.56 -19.60 -25.91
CA VAL A 276 2.02 -18.71 -24.84
C VAL A 276 3.09 -18.62 -23.73
N GLY A 277 3.55 -19.76 -23.25
CA GLY A 277 4.65 -19.85 -22.26
C GLY A 277 5.84 -19.01 -22.67
N SER A 278 6.27 -19.13 -23.93
CA SER A 278 7.47 -18.45 -24.48
C SER A 278 7.20 -16.96 -24.67
N ASN A 279 6.08 -16.59 -25.30
CA ASN A 279 5.73 -15.18 -25.61
C ASN A 279 5.52 -14.39 -24.30
N ILE A 280 4.90 -15.01 -23.29
CA ILE A 280 4.57 -14.36 -21.99
C ILE A 280 5.77 -14.52 -21.04
N LYS A 281 6.76 -15.33 -21.40
CA LYS A 281 8.06 -15.47 -20.68
C LYS A 281 7.79 -15.98 -19.27
N VAL A 282 7.06 -17.10 -19.19
CA VAL A 282 6.80 -17.87 -17.94
C VAL A 282 7.88 -18.96 -17.84
N TRP A 283 8.90 -18.75 -17.01
CA TRP A 283 10.12 -19.60 -16.95
C TRP A 283 10.17 -20.40 -15.65
N ARG A 284 9.06 -20.39 -14.90
CA ARG A 284 8.86 -21.17 -13.65
C ARG A 284 7.37 -21.48 -13.52
N ASP A 285 7.01 -22.51 -12.75
CA ASP A 285 5.59 -22.92 -12.61
C ASP A 285 4.90 -21.98 -11.61
N ILE A 286 4.42 -20.85 -12.12
CA ILE A 286 3.71 -19.80 -11.34
C ILE A 286 2.37 -20.36 -10.82
N SER A 287 1.83 -21.40 -11.46
CA SER A 287 0.54 -22.07 -11.11
C SER A 287 0.69 -22.95 -9.87
N ASN A 288 1.91 -23.32 -9.49
CA ASN A 288 2.21 -24.18 -8.32
C ASN A 288 1.49 -25.53 -8.49
N GLY A 289 1.67 -26.16 -9.67
CA GLY A 289 1.18 -27.51 -9.99
C GLY A 289 -0.34 -27.58 -10.17
N ALA A 290 -1.02 -26.46 -10.44
CA ALA A 290 -2.49 -26.40 -10.57
C ALA A 290 -2.95 -27.29 -11.74
N ASP A 291 -3.93 -28.17 -11.50
CA ASP A 291 -4.68 -28.89 -12.56
C ASP A 291 -5.81 -27.98 -13.06
N GLU A 292 -6.62 -28.45 -14.01
CA GLU A 292 -7.69 -27.63 -14.63
C GLU A 292 -8.71 -27.17 -13.57
N LYS A 293 -9.18 -28.07 -12.70
CA LYS A 293 -10.17 -27.75 -11.63
C LYS A 293 -9.60 -26.66 -10.71
N MET A 294 -8.30 -26.72 -10.40
CA MET A 294 -7.65 -25.71 -9.53
C MET A 294 -7.63 -24.35 -10.26
N LEU A 295 -7.26 -24.34 -11.54
CA LEU A 295 -7.26 -23.11 -12.39
C LEU A 295 -8.68 -22.52 -12.42
N ASP A 296 -9.69 -23.38 -12.59
CA ASP A 296 -11.12 -22.96 -12.60
C ASP A 296 -11.45 -22.26 -11.29
N ARG A 297 -11.11 -22.89 -10.16
CA ARG A 297 -11.52 -22.39 -8.82
C ARG A 297 -10.82 -21.07 -8.53
N GLU A 298 -9.54 -20.93 -8.92
CA GLU A 298 -8.75 -19.71 -8.68
C GLU A 298 -9.35 -18.57 -9.51
N ALA A 299 -9.72 -18.87 -10.76
CA ALA A 299 -10.38 -17.89 -11.68
C ALA A 299 -11.71 -17.43 -11.08
N GLN A 300 -12.50 -18.37 -10.53
CA GLN A 300 -13.81 -18.03 -9.92
C GLN A 300 -13.59 -17.16 -8.68
N ALA A 301 -12.60 -17.49 -7.85
CA ALA A 301 -12.28 -16.69 -6.64
C ALA A 301 -11.87 -15.28 -7.08
N ALA A 302 -11.05 -15.16 -8.13
CA ALA A 302 -10.57 -13.86 -8.66
C ALA A 302 -11.76 -13.07 -9.22
N LEU A 303 -12.70 -13.74 -9.86
CA LEU A 303 -13.94 -13.11 -10.40
C LEU A 303 -14.77 -12.54 -9.24
N ASP A 304 -14.99 -13.31 -8.17
CA ASP A 304 -15.75 -12.86 -6.99
C ASP A 304 -15.05 -11.63 -6.39
N PHE A 305 -13.74 -11.73 -6.21
CA PHE A 305 -12.86 -10.63 -5.70
C PHE A 305 -13.03 -9.40 -6.59
N SER A 306 -12.97 -9.58 -7.91
CA SER A 306 -13.00 -8.49 -8.91
C SER A 306 -14.36 -7.78 -8.86
N ARG A 307 -15.46 -8.53 -8.90
CA ARG A 307 -16.83 -7.97 -8.78
C ARG A 307 -16.93 -7.17 -7.48
N TYR A 308 -16.47 -7.74 -6.36
CA TYR A 308 -16.61 -7.15 -5.01
C TYR A 308 -15.76 -5.86 -4.92
N VAL A 309 -14.47 -5.94 -5.27
CA VAL A 309 -13.49 -4.86 -4.96
C VAL A 309 -13.53 -3.75 -6.02
N LEU A 310 -13.75 -4.05 -7.31
CA LEU A 310 -13.68 -3.03 -8.38
C LEU A 310 -15.00 -2.26 -8.54
N GLU A 311 -16.10 -2.73 -7.93
CA GLU A 311 -17.49 -2.26 -8.24
C GLU A 311 -17.74 -0.89 -7.59
N CYS A 312 -18.56 -0.06 -8.27
CA CYS A 312 -18.66 1.43 -8.12
C CYS A 312 -18.59 1.88 -6.66
N HIS A 313 -17.62 2.75 -6.36
CA HIS A 313 -17.35 3.36 -5.03
C HIS A 313 -18.27 4.57 -4.84
N MET B 24 -8.50 -22.78 7.59
CA MET B 24 -8.75 -21.61 8.50
C MET B 24 -10.26 -21.39 8.65
N LYS B 25 -10.76 -21.30 9.89
CA LYS B 25 -12.19 -21.07 10.22
C LYS B 25 -12.48 -19.56 10.25
N HIS B 26 -13.60 -19.16 9.64
CA HIS B 26 -14.06 -17.75 9.54
C HIS B 26 -15.38 -17.56 10.27
N GLY B 27 -15.46 -16.49 11.08
CA GLY B 27 -16.67 -16.15 11.84
C GLY B 27 -17.04 -14.69 11.68
N ILE B 28 -18.20 -14.33 12.22
CA ILE B 28 -18.67 -12.92 12.32
C ILE B 28 -19.32 -12.73 13.68
N TYR B 29 -19.25 -11.52 14.21
CA TYR B 29 -19.84 -11.09 15.50
C TYR B 29 -21.32 -10.80 15.22
N TYR B 30 -22.22 -11.41 16.00
CA TYR B 30 -23.70 -11.24 15.87
C TYR B 30 -24.04 -9.74 15.83
N ALA B 31 -23.25 -8.91 16.54
CA ALA B 31 -23.53 -7.48 16.83
C ALA B 31 -23.53 -6.62 15.56
N TYR B 32 -22.95 -7.12 14.47
CA TYR B 32 -23.03 -6.53 13.10
C TYR B 32 -24.49 -6.21 12.74
N TRP B 33 -25.43 -7.02 13.25
CA TRP B 33 -26.87 -6.96 12.90
C TRP B 33 -27.71 -6.28 13.99
N GLU B 34 -27.13 -6.01 15.17
CA GLU B 34 -27.88 -5.68 16.41
C GLU B 34 -27.32 -4.41 17.07
N GLN B 35 -28.19 -3.65 17.75
CA GLN B 35 -27.83 -2.34 18.37
C GLN B 35 -27.75 -2.47 19.89
N GLU B 36 -27.82 -3.70 20.44
CA GLU B 36 -27.68 -3.98 21.90
C GLU B 36 -26.79 -5.21 22.10
N TRP B 37 -26.20 -5.34 23.29
CA TRP B 37 -25.18 -6.36 23.63
C TRP B 37 -25.81 -7.69 24.08
N GLU B 38 -26.91 -8.07 23.43
CA GLU B 38 -27.50 -9.44 23.49
C GLU B 38 -28.52 -9.55 22.36
N ALA B 39 -28.96 -10.77 22.08
CA ALA B 39 -29.91 -11.12 21.00
C ALA B 39 -30.28 -12.59 21.12
N ASP B 40 -31.26 -13.03 20.33
CA ASP B 40 -31.51 -14.47 20.08
C ASP B 40 -30.34 -14.99 19.22
N TYR B 41 -29.32 -15.56 19.86
CA TYR B 41 -28.10 -16.08 19.21
C TYR B 41 -28.47 -17.24 18.26
N LYS B 42 -29.54 -17.98 18.54
CA LYS B 42 -30.02 -19.11 17.70
C LYS B 42 -30.36 -18.58 16.30
N TYR B 43 -31.03 -17.43 16.24
CA TYR B 43 -31.37 -16.72 14.97
C TYR B 43 -30.09 -16.49 14.17
N TYR B 44 -29.03 -16.01 14.81
CA TYR B 44 -27.76 -15.62 14.13
C TYR B 44 -26.95 -16.88 13.77
N ILE B 45 -27.06 -17.96 14.55
CA ILE B 45 -26.43 -19.28 14.20
C ILE B 45 -27.00 -19.74 12.84
N GLU B 46 -28.32 -19.69 12.69
CA GLU B 46 -29.05 -20.14 11.48
C GLU B 46 -28.67 -19.24 10.28
N LYS B 47 -28.73 -17.93 10.45
CA LYS B 47 -28.37 -16.94 9.39
C LYS B 47 -26.94 -17.23 8.91
N VAL B 48 -26.00 -17.23 9.85
CA VAL B 48 -24.53 -17.29 9.60
C VAL B 48 -24.19 -18.65 8.98
N ALA B 49 -24.87 -19.72 9.39
CA ALA B 49 -24.74 -21.07 8.79
C ALA B 49 -25.14 -20.99 7.31
N LYS B 50 -26.27 -20.35 7.01
CA LYS B 50 -26.77 -20.21 5.63
C LYS B 50 -25.81 -19.33 4.80
N LEU B 51 -25.19 -18.32 5.41
CA LEU B 51 -24.26 -17.41 4.67
C LEU B 51 -22.92 -18.11 4.41
N GLY B 52 -22.63 -19.19 5.15
CA GLY B 52 -21.49 -20.08 4.91
C GLY B 52 -20.34 -19.85 5.89
N PHE B 53 -20.55 -19.15 7.00
CA PHE B 53 -19.53 -18.94 8.06
C PHE B 53 -19.30 -20.25 8.83
N ASP B 54 -18.13 -20.39 9.45
CA ASP B 54 -17.80 -21.54 10.35
C ASP B 54 -18.16 -21.17 11.79
N ILE B 55 -18.10 -19.88 12.12
CA ILE B 55 -18.11 -19.39 13.52
C ILE B 55 -19.13 -18.25 13.64
N LEU B 56 -19.92 -18.27 14.70
CA LEU B 56 -20.62 -17.07 15.20
C LEU B 56 -19.95 -16.66 16.51
N GLU B 57 -19.56 -15.40 16.62
CA GLU B 57 -19.10 -14.81 17.89
C GLU B 57 -20.30 -14.15 18.56
N ILE B 58 -20.50 -14.44 19.85
CA ILE B 58 -21.63 -13.93 20.68
C ILE B 58 -21.05 -13.12 21.85
N ALA B 59 -21.83 -12.19 22.40
CA ALA B 59 -21.46 -11.42 23.62
C ALA B 59 -21.69 -12.31 24.84
N ALA B 60 -20.76 -12.26 25.80
CA ALA B 60 -20.79 -13.04 27.05
C ALA B 60 -21.94 -12.57 27.95
N SER B 61 -22.32 -11.29 27.85
CA SER B 61 -23.19 -10.55 28.81
C SER B 61 -24.38 -11.40 29.30
N PRO B 62 -25.21 -11.98 28.41
CA PRO B 62 -26.39 -12.74 28.86
C PRO B 62 -26.14 -14.17 29.34
N LEU B 63 -24.93 -14.71 29.14
CA LEU B 63 -24.60 -16.14 29.39
C LEU B 63 -24.61 -16.48 30.89
N PRO B 64 -24.17 -15.59 31.82
CA PRO B 64 -24.25 -15.87 33.25
C PRO B 64 -25.68 -16.12 33.76
N PHE B 65 -26.68 -15.64 33.02
CA PHE B 65 -28.13 -15.65 33.40
C PHE B 65 -28.89 -16.72 32.60
N TYR B 66 -28.18 -17.56 31.84
CA TYR B 66 -28.75 -18.71 31.09
C TYR B 66 -28.97 -19.87 32.06
N SER B 67 -30.20 -20.39 32.08
CA SER B 67 -30.55 -21.69 32.72
C SER B 67 -29.73 -22.80 32.04
N ASP B 68 -29.62 -23.97 32.68
CA ASP B 68 -28.89 -25.12 32.09
CA ASP B 68 -28.92 -25.15 32.11
C ASP B 68 -29.62 -25.56 30.81
N ILE B 69 -30.95 -25.40 30.76
CA ILE B 69 -31.79 -25.68 29.56
C ILE B 69 -31.35 -24.74 28.42
N GLN B 70 -31.30 -23.43 28.68
CA GLN B 70 -30.95 -22.37 27.70
C GLN B 70 -29.56 -22.66 27.11
N ILE B 71 -28.59 -23.03 27.96
CA ILE B 71 -27.20 -23.39 27.56
C ILE B 71 -27.25 -24.58 26.59
N ASN B 72 -27.97 -25.65 26.95
CA ASN B 72 -28.04 -26.90 26.13
C ASN B 72 -28.76 -26.63 24.81
N GLU B 73 -29.75 -25.73 24.80
CA GLU B 73 -30.48 -25.32 23.59
C GLU B 73 -29.53 -24.60 22.63
N LEU B 74 -28.76 -23.61 23.12
CA LEU B 74 -27.80 -22.83 22.30
C LEU B 74 -26.75 -23.80 21.72
N LYS B 75 -26.16 -24.65 22.57
CA LYS B 75 -25.14 -25.66 22.19
C LYS B 75 -25.69 -26.58 21.09
N ALA B 76 -26.89 -27.12 21.29
CA ALA B 76 -27.56 -28.06 20.36
C ALA B 76 -27.79 -27.35 19.01
N CYS B 77 -28.24 -26.11 19.04
CA CYS B 77 -28.49 -25.25 17.84
C CYS B 77 -27.19 -25.08 17.05
N ALA B 78 -26.11 -24.69 17.73
CA ALA B 78 -24.74 -24.52 17.16
C ALA B 78 -24.30 -25.84 16.50
N HIS B 79 -24.39 -26.95 17.23
CA HIS B 79 -23.99 -28.31 16.75
C HIS B 79 -24.83 -28.67 15.52
N GLY B 80 -26.15 -28.52 15.61
CA GLY B 80 -27.11 -28.87 14.55
C GLY B 80 -26.85 -28.10 13.25
N ASN B 81 -26.30 -26.88 13.36
CA ASN B 81 -26.09 -25.96 12.20
C ASN B 81 -24.62 -25.99 11.74
N GLY B 82 -23.77 -26.81 12.38
CA GLY B 82 -22.34 -26.93 12.01
C GLY B 82 -21.54 -25.68 12.33
N ILE B 83 -21.97 -24.89 13.33
CA ILE B 83 -21.38 -23.58 13.69
C ILE B 83 -20.64 -23.73 15.03
N THR B 84 -19.40 -23.25 15.08
CA THR B 84 -18.58 -23.12 16.32
C THR B 84 -18.90 -21.75 16.95
N LEU B 85 -19.10 -21.72 18.26
CA LEU B 85 -19.34 -20.45 19.00
C LEU B 85 -18.02 -20.00 19.63
N THR B 86 -17.71 -18.71 19.46
CA THR B 86 -16.65 -17.99 20.22
C THR B 86 -17.35 -16.84 20.96
N VAL B 87 -16.70 -16.31 22.01
CA VAL B 87 -17.31 -15.30 22.90
C VAL B 87 -16.39 -14.09 22.99
N GLY B 88 -16.96 -12.90 22.84
CA GLY B 88 -16.34 -11.60 23.16
C GLY B 88 -16.96 -11.04 24.43
N HIS B 89 -16.20 -10.28 25.20
CA HIS B 89 -16.70 -9.62 26.43
C HIS B 89 -15.99 -8.27 26.63
N GLY B 90 -16.78 -7.21 26.82
CA GLY B 90 -16.36 -5.93 27.40
C GLY B 90 -16.65 -5.96 28.91
N PRO B 91 -15.63 -6.15 29.77
CA PRO B 91 -15.88 -6.23 31.21
C PRO B 91 -16.42 -4.89 31.73
N SER B 92 -17.38 -4.95 32.67
CA SER B 92 -17.84 -3.80 33.48
C SER B 92 -16.72 -3.40 34.45
N ALA B 93 -16.79 -2.20 35.03
CA ALA B 93 -15.86 -1.71 36.06
C ALA B 93 -15.76 -2.71 37.22
N GLU B 94 -16.86 -3.40 37.54
CA GLU B 94 -16.97 -4.40 38.63
C GLU B 94 -16.21 -5.69 38.28
N GLN B 95 -15.88 -5.89 37.00
CA GLN B 95 -15.24 -7.13 36.50
C GLN B 95 -13.76 -6.85 36.18
N ASN B 96 -13.23 -5.72 36.66
CA ASN B 96 -11.87 -5.21 36.33
C ASN B 96 -10.81 -5.94 37.17
N LEU B 97 -10.12 -6.91 36.57
CA LEU B 97 -9.07 -7.75 37.22
C LEU B 97 -7.83 -6.91 37.58
N SER B 98 -7.67 -5.73 36.98
CA SER B 98 -6.54 -4.81 37.23
C SER B 98 -6.81 -3.90 38.43
N SER B 99 -8.05 -3.89 38.95
CA SER B 99 -8.54 -2.95 39.99
C SER B 99 -7.66 -2.97 41.23
N PRO B 100 -7.29 -1.80 41.80
CA PRO B 100 -6.58 -1.75 43.08
C PRO B 100 -7.49 -2.16 44.25
N ASP B 101 -8.81 -2.08 44.06
CA ASP B 101 -9.85 -2.45 45.06
C ASP B 101 -9.98 -3.97 45.09
N PRO B 102 -9.58 -4.64 46.20
CA PRO B 102 -9.54 -6.10 46.23
C PRO B 102 -10.92 -6.77 46.13
N ASP B 103 -11.99 -6.05 46.52
CA ASP B 103 -13.39 -6.55 46.44
C ASP B 103 -13.82 -6.58 44.97
N ILE B 104 -13.43 -5.59 44.17
CA ILE B 104 -13.67 -5.58 42.70
C ILE B 104 -12.91 -6.77 42.09
N ARG B 105 -11.64 -6.98 42.46
CA ARG B 105 -10.83 -8.12 41.97
C ARG B 105 -11.54 -9.44 42.31
N LYS B 106 -12.02 -9.58 43.54
CA LYS B 106 -12.70 -10.81 44.04
C LYS B 106 -13.96 -11.09 43.21
N ASN B 107 -14.79 -10.07 42.98
CA ASN B 107 -16.02 -10.15 42.15
C ASN B 107 -15.62 -10.57 40.72
N ALA B 108 -14.63 -9.88 40.15
CA ALA B 108 -14.12 -10.13 38.77
C ALA B 108 -13.74 -11.61 38.65
N LYS B 109 -12.92 -12.11 39.57
CA LYS B 109 -12.41 -13.50 39.55
C LYS B 109 -13.57 -14.50 39.67
N ALA B 110 -14.57 -14.20 40.51
CA ALA B 110 -15.77 -15.04 40.68
C ALA B 110 -16.59 -15.00 39.39
N PHE B 111 -16.81 -13.81 38.84
CA PHE B 111 -17.53 -13.59 37.56
C PHE B 111 -16.94 -14.47 36.45
N TYR B 112 -15.62 -14.40 36.23
CA TYR B 112 -14.90 -15.15 35.15
C TYR B 112 -14.93 -16.64 35.46
N THR B 113 -14.81 -17.03 36.73
CA THR B 113 -14.83 -18.46 37.16
C THR B 113 -16.17 -19.07 36.75
N ASP B 114 -17.27 -18.40 37.09
CA ASP B 114 -18.65 -18.82 36.72
C ASP B 114 -18.78 -18.84 35.19
N LEU B 115 -18.40 -17.75 34.52
CA LEU B 115 -18.52 -17.59 33.04
C LEU B 115 -17.80 -18.75 32.35
N LEU B 116 -16.56 -19.06 32.76
CA LEU B 116 -15.71 -20.12 32.14
C LEU B 116 -16.34 -21.50 32.35
N LYS B 117 -16.98 -21.75 33.49
CA LYS B 117 -17.72 -23.02 33.76
C LYS B 117 -18.86 -23.14 32.75
N ARG B 118 -19.55 -22.02 32.50
CA ARG B 118 -20.70 -21.94 31.55
C ARG B 118 -20.20 -22.18 30.12
N LEU B 119 -19.07 -21.59 29.74
CA LEU B 119 -18.48 -21.77 28.39
C LEU B 119 -18.14 -23.25 28.19
N TYR B 120 -17.66 -23.94 29.23
CA TYR B 120 -17.36 -25.39 29.18
C TYR B 120 -18.65 -26.17 28.85
N LYS B 121 -19.75 -25.85 29.52
CA LYS B 121 -21.09 -26.46 29.31
C LYS B 121 -21.57 -26.16 27.88
N LEU B 122 -21.34 -24.92 27.43
CA LEU B 122 -21.81 -24.37 26.12
C LEU B 122 -20.94 -24.93 24.97
N ASP B 123 -19.84 -25.61 25.31
CA ASP B 123 -18.84 -26.21 24.38
C ASP B 123 -18.11 -25.08 23.63
N VAL B 124 -17.85 -23.96 24.31
CA VAL B 124 -17.07 -22.79 23.80
C VAL B 124 -15.63 -22.92 24.32
N HIS B 125 -14.65 -22.77 23.44
CA HIS B 125 -13.21 -22.99 23.73
C HIS B 125 -12.41 -21.70 23.56
N LEU B 126 -13.07 -20.55 23.38
CA LEU B 126 -12.36 -19.26 23.19
C LEU B 126 -13.23 -18.11 23.70
N ILE B 127 -12.63 -17.27 24.56
CA ILE B 127 -13.18 -15.94 24.97
C ILE B 127 -12.10 -14.89 24.70
N GLY B 128 -12.51 -13.71 24.24
CA GLY B 128 -11.58 -12.61 23.93
C GLY B 128 -12.17 -11.26 24.29
N GLY B 129 -11.29 -10.29 24.52
CA GLY B 129 -11.64 -8.90 24.85
C GLY B 129 -10.61 -8.27 25.76
N ALA B 130 -10.91 -7.11 26.32
CA ALA B 130 -10.05 -6.40 27.28
C ALA B 130 -10.15 -7.11 28.64
N LEU B 131 -9.86 -8.42 28.67
CA LEU B 131 -10.13 -9.31 29.84
C LEU B 131 -9.12 -9.02 30.96
N TYR B 132 -8.03 -8.32 30.64
CA TYR B 132 -6.97 -7.86 31.59
C TYR B 132 -7.46 -6.61 32.33
N SER B 133 -8.53 -5.98 31.84
CA SER B 133 -9.00 -4.64 32.28
C SER B 133 -10.54 -4.61 32.24
N TYR B 134 -11.12 -3.55 31.69
CA TYR B 134 -12.59 -3.40 31.50
C TYR B 134 -12.83 -2.49 30.29
N TRP B 135 -14.04 -2.52 29.74
CA TRP B 135 -14.42 -1.78 28.50
C TRP B 135 -15.92 -1.56 28.44
N PRO B 136 -16.42 -0.34 28.13
CA PRO B 136 -15.59 0.86 28.02
C PRO B 136 -15.02 1.30 29.38
N ILE B 137 -13.91 2.06 29.37
CA ILE B 137 -13.27 2.57 30.62
C ILE B 137 -13.67 4.03 30.85
N ASP B 138 -13.62 4.45 32.12
CA ASP B 138 -13.63 5.87 32.56
C ASP B 138 -12.20 6.41 32.45
N TYR B 139 -11.95 7.28 31.47
CA TYR B 139 -10.60 7.83 31.13
C TYR B 139 -10.31 9.12 31.90
N THR B 140 -11.30 9.67 32.63
CA THR B 140 -11.14 10.91 33.44
C THR B 140 -10.31 10.58 34.67
N LYS B 141 -10.48 9.36 35.23
CA LYS B 141 -9.74 8.84 36.41
C LYS B 141 -8.23 8.96 36.16
N THR B 142 -7.47 9.33 37.20
CA THR B 142 -5.99 9.27 37.22
C THR B 142 -5.56 7.87 36.81
N ILE B 143 -4.56 7.76 35.92
CA ILE B 143 -4.09 6.45 35.35
C ILE B 143 -2.87 5.98 36.14
N ASP B 144 -2.90 4.71 36.58
CA ASP B 144 -1.75 4.01 37.22
C ASP B 144 -1.46 2.75 36.41
N LYS B 145 -0.71 2.87 35.31
CA LYS B 145 -0.49 1.77 34.32
C LYS B 145 0.34 0.66 34.97
N LYS B 146 1.48 1.00 35.57
CA LYS B 146 2.39 0.03 36.24
C LYS B 146 1.60 -0.78 37.27
N GLY B 147 0.84 -0.10 38.14
CA GLY B 147 0.06 -0.78 39.21
C GLY B 147 -0.99 -1.71 38.64
N ASP B 148 -1.81 -1.21 37.71
CA ASP B 148 -2.90 -1.98 37.05
C ASP B 148 -2.26 -3.17 36.31
N TRP B 149 -1.12 -2.95 35.65
CA TRP B 149 -0.38 -3.99 34.88
C TRP B 149 -0.02 -5.14 35.81
N GLU B 150 0.73 -4.87 36.89
CA GLU B 150 1.21 -5.91 37.85
C GLU B 150 0.00 -6.67 38.42
N ARG B 151 -1.05 -5.94 38.82
CA ARG B 151 -2.28 -6.53 39.42
C ARG B 151 -2.99 -7.42 38.38
N SER B 152 -3.13 -6.92 37.15
CA SER B 152 -3.81 -7.65 36.04
C SER B 152 -3.07 -8.95 35.76
N VAL B 153 -1.75 -8.89 35.57
CA VAL B 153 -0.89 -10.08 35.30
C VAL B 153 -1.20 -11.14 36.36
N GLU B 154 -1.18 -10.76 37.63
CA GLU B 154 -1.44 -11.68 38.77
C GLU B 154 -2.86 -12.25 38.65
N SER B 155 -3.87 -11.39 38.47
CA SER B 155 -5.31 -11.75 38.38
C SER B 155 -5.54 -12.73 37.21
N VAL B 156 -5.02 -12.39 36.02
CA VAL B 156 -5.22 -13.20 34.78
C VAL B 156 -4.61 -14.59 34.99
N ARG B 157 -3.41 -14.67 35.58
CA ARG B 157 -2.70 -15.95 35.84
C ARG B 157 -3.59 -16.88 36.67
N GLU B 158 -4.30 -16.35 37.67
CA GLU B 158 -5.24 -17.13 38.51
C GLU B 158 -6.43 -17.60 37.66
N VAL B 159 -7.07 -16.68 36.91
CA VAL B 159 -8.27 -17.00 36.08
C VAL B 159 -7.87 -18.05 35.03
N ALA B 160 -6.63 -17.97 34.53
CA ALA B 160 -6.07 -18.86 33.49
C ALA B 160 -6.21 -20.33 33.92
N LYS B 161 -6.01 -20.61 35.20
CA LYS B 161 -6.05 -22.01 35.74
C LYS B 161 -7.47 -22.56 35.64
N VAL B 162 -8.49 -21.71 35.80
CA VAL B 162 -9.92 -22.08 35.61
C VAL B 162 -10.18 -22.21 34.09
N ALA B 163 -9.60 -21.32 33.28
CA ALA B 163 -9.70 -21.38 31.80
C ALA B 163 -9.13 -22.70 31.30
N GLU B 164 -7.99 -23.14 31.85
CA GLU B 164 -7.36 -24.43 31.50
C GLU B 164 -8.31 -25.59 31.83
N ALA B 165 -8.85 -25.61 33.05
CA ALA B 165 -9.78 -26.66 33.54
C ALA B 165 -11.00 -26.73 32.60
N CYS B 166 -11.49 -25.59 32.12
CA CYS B 166 -12.71 -25.45 31.27
C CYS B 166 -12.39 -25.60 29.78
N GLY B 167 -11.11 -25.75 29.41
CA GLY B 167 -10.67 -25.90 28.01
C GLY B 167 -10.95 -24.65 27.18
N VAL B 168 -10.70 -23.47 27.75
CA VAL B 168 -10.95 -22.15 27.11
C VAL B 168 -9.62 -21.41 26.91
N ASP B 169 -9.34 -20.99 25.67
CA ASP B 169 -8.30 -19.98 25.36
C ASP B 169 -8.82 -18.62 25.83
N PHE B 170 -8.08 -17.99 26.75
CA PHE B 170 -8.36 -16.68 27.37
C PHE B 170 -7.53 -15.64 26.60
N CYS B 171 -8.15 -14.98 25.61
CA CYS B 171 -7.46 -14.15 24.59
C CYS B 171 -7.57 -12.66 24.97
N LEU B 172 -6.42 -12.00 25.16
CA LEU B 172 -6.31 -10.58 25.58
C LEU B 172 -6.24 -9.68 24.34
N GLU B 173 -7.30 -8.90 24.11
CA GLU B 173 -7.41 -8.00 22.92
C GLU B 173 -6.47 -6.81 23.10
N VAL B 174 -5.61 -6.58 22.11
CA VAL B 174 -4.77 -5.36 22.01
C VAL B 174 -5.66 -4.27 21.44
N LEU B 175 -5.81 -3.14 22.15
CA LEU B 175 -6.78 -2.06 21.84
C LEU B 175 -6.03 -0.76 21.54
N ASN B 176 -6.66 0.11 20.77
CA ASN B 176 -6.14 1.47 20.48
C ASN B 176 -6.22 2.32 21.76
N ARG B 177 -5.41 3.37 21.83
CA ARG B 177 -5.19 4.22 23.03
C ARG B 177 -6.50 4.84 23.52
N PHE B 178 -7.52 4.97 22.67
CA PHE B 178 -8.79 5.67 23.00
C PHE B 178 -9.67 4.79 23.89
N GLU B 179 -9.43 3.48 23.89
CA GLU B 179 -10.34 2.49 24.54
C GLU B 179 -9.65 1.84 25.74
N ASN B 180 -8.32 1.85 25.79
CA ASN B 180 -7.54 1.38 26.97
C ASN B 180 -6.10 1.90 26.90
N TYR B 181 -5.42 1.88 28.04
CA TYR B 181 -4.05 2.41 28.25
C TYR B 181 -3.07 1.26 28.51
N LEU B 182 -3.58 0.06 28.79
CA LEU B 182 -2.75 -1.05 29.31
C LEU B 182 -1.99 -1.74 28.16
N ILE B 183 -2.69 -2.17 27.11
CA ILE B 183 -2.10 -2.94 25.99
C ILE B 183 -2.54 -2.34 24.65
N ASN B 184 -1.67 -1.57 23.99
CA ASN B 184 -1.97 -0.80 22.76
C ASN B 184 -1.22 -1.36 21.54
N THR B 185 -0.20 -2.21 21.73
CA THR B 185 0.57 -2.83 20.62
C THR B 185 0.71 -4.34 20.83
N ALA B 186 0.99 -5.08 19.76
CA ALA B 186 1.24 -6.54 19.79
C ALA B 186 2.40 -6.82 20.76
N GLN B 187 3.42 -5.96 20.78
CA GLN B 187 4.62 -6.14 21.63
C GLN B 187 4.21 -6.05 23.11
N GLU B 188 3.38 -5.07 23.50
CA GLU B 188 2.85 -4.95 24.88
C GLU B 188 2.05 -6.20 25.22
N GLY B 189 1.20 -6.66 24.31
CA GLY B 189 0.40 -7.89 24.44
C GLY B 189 1.27 -9.11 24.71
N VAL B 190 2.33 -9.30 23.92
CA VAL B 190 3.30 -10.42 24.08
C VAL B 190 3.98 -10.30 25.45
N ASP B 191 4.46 -9.10 25.80
CA ASP B 191 5.15 -8.80 27.08
C ASP B 191 4.25 -9.24 28.23
N PHE B 192 2.98 -8.81 28.21
CA PHE B 192 1.96 -9.13 29.23
C PHE B 192 1.79 -10.65 29.31
N VAL B 193 1.56 -11.31 28.18
CA VAL B 193 1.20 -12.76 28.10
C VAL B 193 2.41 -13.60 28.56
N LYS B 194 3.64 -13.23 28.18
CA LYS B 194 4.87 -13.91 28.65
C LYS B 194 4.99 -13.77 30.17
N GLN B 195 4.65 -12.61 30.72
CA GLN B 195 4.73 -12.35 32.18
C GLN B 195 3.68 -13.20 32.89
N VAL B 196 2.48 -13.33 32.32
CA VAL B 196 1.39 -14.22 32.85
C VAL B 196 1.93 -15.65 32.89
N ASP B 197 2.55 -16.10 31.80
CA ASP B 197 3.28 -17.39 31.70
C ASP B 197 2.31 -18.55 31.95
N HIS B 198 1.23 -18.61 31.17
CA HIS B 198 0.22 -19.70 31.21
C HIS B 198 -0.25 -19.97 29.78
N ASN B 199 -0.34 -21.25 29.39
CA ASN B 199 -0.54 -21.68 27.98
C ASN B 199 -1.94 -21.30 27.48
N ASN B 200 -2.94 -21.14 28.37
CA ASN B 200 -4.35 -20.83 27.99
C ASN B 200 -4.55 -19.31 27.82
N VAL B 201 -3.53 -18.49 28.07
CA VAL B 201 -3.60 -17.01 27.90
C VAL B 201 -2.88 -16.62 26.61
N LYS B 202 -3.59 -15.95 25.71
CA LYS B 202 -3.15 -15.65 24.33
C LYS B 202 -3.25 -14.16 24.05
N VAL B 203 -2.47 -13.66 23.08
CA VAL B 203 -2.67 -12.32 22.47
C VAL B 203 -3.79 -12.43 21.44
N MET B 204 -4.64 -11.41 21.37
CA MET B 204 -5.66 -11.27 20.31
C MET B 204 -5.44 -9.92 19.61
N LEU B 205 -5.28 -9.96 18.30
CA LEU B 205 -5.11 -8.73 17.49
C LEU B 205 -6.41 -8.44 16.74
N ASP B 206 -6.58 -7.16 16.41
CA ASP B 206 -7.77 -6.60 15.71
C ASP B 206 -7.25 -5.59 14.69
N THR B 207 -7.60 -5.78 13.41
CA THR B 207 -7.14 -4.94 12.27
C THR B 207 -7.52 -3.49 12.54
N PHE B 208 -8.70 -3.24 13.13
CA PHE B 208 -9.17 -1.87 13.47
C PHE B 208 -8.18 -1.22 14.45
N HIS B 209 -7.73 -1.97 15.46
CA HIS B 209 -6.86 -1.47 16.56
C HIS B 209 -5.42 -1.36 16.06
N MET B 210 -4.91 -2.39 15.39
CA MET B 210 -3.57 -2.39 14.75
C MET B 210 -3.44 -1.19 13.81
N ASN B 211 -4.49 -0.90 13.06
CA ASN B 211 -4.51 0.20 12.05
C ASN B 211 -4.11 1.53 12.71
N ILE B 212 -4.41 1.72 13.99
CA ILE B 212 -4.10 2.97 14.74
C ILE B 212 -2.67 2.87 15.32
N GLU B 213 -2.34 1.81 16.05
CA GLU B 213 -1.18 1.84 17.00
C GLU B 213 0.11 1.29 16.37
N GLU B 214 0.03 0.42 15.35
CA GLU B 214 1.20 -0.39 14.90
C GLU B 214 2.02 0.40 13.88
N ASP B 215 3.34 0.26 13.96
CA ASP B 215 4.27 0.70 12.89
C ASP B 215 4.03 -0.17 11.66
N SER B 216 3.83 -1.48 11.87
CA SER B 216 3.73 -2.52 10.82
C SER B 216 2.61 -3.50 11.19
N ILE B 217 1.71 -3.77 10.24
CA ILE B 217 0.60 -4.75 10.44
C ILE B 217 1.19 -6.15 10.38
N GLY B 218 1.91 -6.48 9.30
CA GLY B 218 2.64 -7.76 9.17
C GLY B 218 3.62 -7.95 10.31
N GLY B 219 4.30 -6.87 10.71
CA GLY B 219 5.26 -6.85 11.83
C GLY B 219 4.60 -7.19 13.15
N ALA B 220 3.43 -6.59 13.43
CA ALA B 220 2.64 -6.83 14.66
C ALA B 220 2.26 -8.31 14.73
N ILE B 221 1.76 -8.87 13.62
CA ILE B 221 1.34 -10.30 13.54
C ILE B 221 2.54 -11.20 13.80
N ARG B 222 3.69 -10.94 13.16
CA ARG B 222 4.92 -11.76 13.36
C ARG B 222 5.40 -11.59 14.80
N THR B 223 5.31 -10.40 15.39
CA THR B 223 5.64 -10.15 16.83
C THR B 223 4.77 -11.06 17.70
N ALA B 224 3.46 -11.11 17.46
CA ALA B 224 2.52 -11.94 18.25
C ALA B 224 2.88 -13.42 18.08
N GLY B 225 3.10 -13.87 16.84
CA GLY B 225 3.59 -15.22 16.50
C GLY B 225 2.79 -16.32 17.19
N SER B 226 3.47 -17.19 17.94
CA SER B 226 2.87 -18.36 18.66
C SER B 226 1.82 -17.91 19.67
N TYR B 227 1.88 -16.67 20.17
CA TYR B 227 0.97 -16.14 21.20
C TYR B 227 -0.34 -15.65 20.59
N LEU B 228 -0.41 -15.48 19.26
CA LEU B 228 -1.66 -15.07 18.57
C LEU B 228 -2.70 -16.19 18.67
N GLY B 229 -3.77 -15.97 19.46
CA GLY B 229 -4.82 -16.98 19.73
C GLY B 229 -6.13 -16.68 19.00
N HIS B 230 -6.30 -15.46 18.51
CA HIS B 230 -7.55 -15.01 17.83
C HIS B 230 -7.28 -13.73 17.05
N LEU B 231 -7.96 -13.56 15.92
CA LEU B 231 -7.85 -12.38 15.05
C LEU B 231 -9.26 -11.83 14.76
N HIS B 232 -9.50 -10.57 15.11
CA HIS B 232 -10.68 -9.78 14.68
C HIS B 232 -10.33 -8.99 13.43
N THR B 233 -11.29 -8.89 12.50
CA THR B 233 -11.12 -8.18 11.22
C THR B 233 -12.23 -7.14 11.06
N GLY B 234 -11.88 -6.09 10.34
CA GLY B 234 -12.76 -4.97 9.97
C GLY B 234 -11.93 -3.95 9.23
N GLU B 235 -12.56 -3.12 8.41
CA GLU B 235 -11.85 -2.03 7.71
C GLU B 235 -11.48 -0.96 8.75
N CYS B 236 -10.74 0.05 8.32
CA CYS B 236 -10.22 1.13 9.19
C CYS B 236 -11.38 1.77 9.96
N ASN B 237 -12.56 1.87 9.34
CA ASN B 237 -13.77 2.52 9.91
C ASN B 237 -14.80 1.46 10.26
N ARG B 238 -14.37 0.20 10.37
CA ARG B 238 -15.13 -0.96 10.90
C ARG B 238 -16.18 -1.44 9.87
N LYS B 239 -16.01 -1.09 8.59
CA LYS B 239 -16.81 -1.71 7.50
C LYS B 239 -16.39 -3.18 7.38
N VAL B 240 -17.17 -4.00 6.65
CA VAL B 240 -16.80 -5.40 6.37
C VAL B 240 -15.48 -5.39 5.58
N PRO B 241 -14.58 -6.36 5.81
CA PRO B 241 -13.32 -6.44 5.07
C PRO B 241 -13.50 -6.46 3.55
N GLY B 242 -12.67 -5.72 2.81
CA GLY B 242 -12.52 -5.88 1.35
C GLY B 242 -12.26 -4.59 0.60
N ARG B 243 -13.04 -3.53 0.86
CA ARG B 243 -13.10 -2.33 -0.02
C ARG B 243 -12.44 -1.11 0.66
N GLY B 244 -11.80 -1.30 1.82
CA GLY B 244 -11.11 -0.23 2.57
C GLY B 244 -9.59 -0.30 2.40
N ARG B 245 -8.85 0.22 3.38
CA ARG B 245 -7.38 0.46 3.28
C ARG B 245 -6.57 -0.58 4.09
N ILE B 246 -7.22 -1.47 4.84
CA ILE B 246 -6.51 -2.53 5.61
C ILE B 246 -5.71 -3.40 4.63
N PRO B 247 -4.42 -3.66 4.89
CA PRO B 247 -3.58 -4.43 3.96
C PRO B 247 -3.82 -5.93 4.14
N TRP B 248 -4.92 -6.42 3.58
CA TRP B 248 -5.42 -7.82 3.73
C TRP B 248 -4.36 -8.82 3.26
N VAL B 249 -3.73 -8.56 2.12
CA VAL B 249 -2.70 -9.49 1.54
C VAL B 249 -1.53 -9.59 2.52
N GLU B 250 -1.04 -8.45 3.05
CA GLU B 250 0.07 -8.42 4.03
C GLU B 250 -0.31 -9.24 5.27
N ILE B 251 -1.57 -9.15 5.70
CA ILE B 251 -2.10 -9.92 6.87
C ILE B 251 -2.03 -11.41 6.52
N GLY B 252 -2.60 -11.80 5.38
CA GLY B 252 -2.56 -13.19 4.88
C GLY B 252 -1.14 -13.75 4.92
N GLU B 253 -0.18 -12.98 4.42
CA GLU B 253 1.26 -13.36 4.36
C GLU B 253 1.82 -13.57 5.78
N ALA B 254 1.53 -12.65 6.70
CA ALA B 254 2.05 -12.71 8.09
C ALA B 254 1.45 -13.92 8.82
N LEU B 255 0.18 -14.24 8.57
CA LEU B 255 -0.50 -15.40 9.21
C LEU B 255 0.14 -16.69 8.72
N ALA B 256 0.47 -16.76 7.42
CA ALA B 256 1.24 -17.87 6.81
C ALA B 256 2.64 -17.90 7.44
N ASP B 257 3.32 -16.75 7.52
CA ASP B 257 4.68 -16.64 8.11
C ASP B 257 4.70 -17.29 9.50
N ILE B 258 3.75 -16.95 10.37
CA ILE B 258 3.76 -17.45 11.78
C ILE B 258 3.18 -18.87 11.84
N GLY B 259 2.41 -19.28 10.82
CA GLY B 259 1.74 -20.59 10.79
C GLY B 259 0.51 -20.59 11.68
N TYR B 260 -0.27 -19.51 11.63
CA TYR B 260 -1.46 -19.27 12.49
C TYR B 260 -2.44 -20.43 12.35
N ASN B 261 -2.78 -21.05 13.49
CA ASN B 261 -3.66 -22.26 13.59
C ASN B 261 -5.01 -21.86 14.22
N GLY B 262 -5.28 -20.56 14.34
CA GLY B 262 -6.50 -20.05 15.00
C GLY B 262 -7.57 -19.70 13.98
N SER B 263 -8.57 -18.94 14.41
CA SER B 263 -9.73 -18.54 13.58
C SER B 263 -9.70 -17.03 13.33
N VAL B 264 -10.49 -16.59 12.35
CA VAL B 264 -10.61 -15.18 11.92
C VAL B 264 -12.09 -14.80 11.99
N VAL B 265 -12.41 -13.87 12.87
CA VAL B 265 -13.81 -13.40 13.10
C VAL B 265 -13.90 -11.93 12.71
N MET B 266 -14.72 -11.60 11.73
CA MET B 266 -14.95 -10.20 11.33
C MET B 266 -15.90 -9.56 12.35
N GLU B 267 -15.66 -8.29 12.65
CA GLU B 267 -16.32 -7.52 13.73
C GLU B 267 -16.77 -6.19 13.13
N PRO B 268 -17.59 -6.21 12.07
CA PRO B 268 -17.98 -4.98 11.39
C PRO B 268 -19.11 -4.30 12.20
N PHE B 269 -19.04 -2.97 12.27
CA PHE B 269 -20.05 -2.10 12.93
C PHE B 269 -20.35 -0.95 11.97
N VAL B 270 -21.55 -0.94 11.39
CA VAL B 270 -21.92 0.01 10.31
C VAL B 270 -23.21 0.75 10.67
N ARG B 271 -23.81 0.48 11.84
CA ARG B 271 -25.17 0.98 12.20
C ARG B 271 -25.09 1.94 13.40
N MET B 272 -25.70 3.11 13.26
CA MET B 272 -25.97 4.06 14.37
C MET B 272 -27.03 3.49 15.30
N GLY B 273 -27.14 4.03 16.51
CA GLY B 273 -28.28 3.81 17.42
C GLY B 273 -27.98 2.74 18.46
N GLY B 274 -28.65 2.84 19.62
CA GLY B 274 -28.58 1.87 20.72
C GLY B 274 -27.26 1.95 21.46
N THR B 275 -27.04 1.00 22.38
CA THR B 275 -25.80 0.87 23.20
C THR B 275 -24.61 0.59 22.27
N VAL B 276 -24.79 -0.26 21.24
CA VAL B 276 -23.73 -0.68 20.29
C VAL B 276 -23.27 0.55 19.51
N GLY B 277 -24.21 1.26 18.88
CA GLY B 277 -23.95 2.52 18.14
C GLY B 277 -23.18 3.50 19.01
N SER B 278 -23.56 3.60 20.29
CA SER B 278 -22.95 4.53 21.28
C SER B 278 -21.56 4.04 21.68
N ASN B 279 -21.43 2.76 22.05
CA ASN B 279 -20.15 2.16 22.54
C ASN B 279 -19.11 2.14 21.40
N ILE B 280 -19.54 1.83 20.18
CA ILE B 280 -18.65 1.72 18.99
C ILE B 280 -18.49 3.11 18.34
N LYS B 281 -19.31 4.07 18.75
CA LYS B 281 -19.19 5.51 18.39
C LYS B 281 -19.41 5.67 16.88
N VAL B 282 -20.49 5.05 16.39
CA VAL B 282 -20.99 5.20 14.99
C VAL B 282 -21.95 6.41 14.98
N TRP B 283 -21.48 7.55 14.46
CA TRP B 283 -22.19 8.85 14.52
C TRP B 283 -22.68 9.28 13.13
N ARG B 284 -22.60 8.36 12.16
CA ARG B 284 -23.10 8.53 10.77
C ARG B 284 -23.51 7.14 10.26
N ASP B 285 -24.35 7.08 9.22
CA ASP B 285 -24.84 5.81 8.64
C ASP B 285 -23.75 5.25 7.72
N ILE B 286 -22.79 4.54 8.30
CA ILE B 286 -21.65 3.90 7.56
C ILE B 286 -22.21 2.79 6.66
N SER B 287 -23.41 2.26 6.97
CA SER B 287 -24.07 1.14 6.23
C SER B 287 -24.67 1.63 4.91
N ASN B 288 -24.87 2.95 4.75
CA ASN B 288 -25.48 3.58 3.56
C ASN B 288 -26.89 2.99 3.33
N GLY B 289 -27.70 2.91 4.39
CA GLY B 289 -29.14 2.57 4.33
C GLY B 289 -29.40 1.09 4.08
N ALA B 290 -28.43 0.22 4.38
CA ALA B 290 -28.53 -1.24 4.20
C ALA B 290 -29.68 -1.80 5.06
N ASP B 291 -30.58 -2.58 4.45
CA ASP B 291 -31.56 -3.41 5.20
C ASP B 291 -30.85 -4.70 5.63
N GLU B 292 -31.53 -5.59 6.33
CA GLU B 292 -30.94 -6.86 6.86
C GLU B 292 -30.37 -7.68 5.70
N LYS B 293 -31.11 -7.75 4.59
CA LYS B 293 -30.73 -8.51 3.36
C LYS B 293 -29.40 -7.98 2.82
N MET B 294 -29.25 -6.66 2.74
CA MET B 294 -28.03 -5.99 2.21
C MET B 294 -26.83 -6.30 3.14
N LEU B 295 -27.02 -6.23 4.47
CA LEU B 295 -25.97 -6.56 5.47
C LEU B 295 -25.54 -8.02 5.27
N ASP B 296 -26.51 -8.92 5.05
CA ASP B 296 -26.27 -10.36 4.80
C ASP B 296 -25.32 -10.52 3.60
N ARG B 297 -25.67 -9.91 2.46
CA ARG B 297 -24.93 -10.07 1.19
C ARG B 297 -23.50 -9.52 1.35
N GLU B 298 -23.35 -8.40 2.04
CA GLU B 298 -22.02 -7.72 2.22
C GLU B 298 -21.15 -8.57 3.14
N ALA B 299 -21.74 -9.16 4.19
CA ALA B 299 -21.06 -10.12 5.09
C ALA B 299 -20.57 -11.33 4.29
N GLN B 300 -21.41 -11.85 3.39
CA GLN B 300 -21.10 -13.05 2.58
C GLN B 300 -19.97 -12.72 1.59
N ALA B 301 -20.01 -11.56 0.96
CA ALA B 301 -18.96 -11.09 0.03
C ALA B 301 -17.65 -10.93 0.80
N ALA B 302 -17.69 -10.33 1.99
CA ALA B 302 -16.51 -10.11 2.86
C ALA B 302 -15.93 -11.47 3.25
N LEU B 303 -16.80 -12.45 3.49
CA LEU B 303 -16.39 -13.83 3.86
C LEU B 303 -15.66 -14.49 2.68
N ASP B 304 -16.22 -14.42 1.46
CA ASP B 304 -15.56 -14.97 0.25
C ASP B 304 -14.18 -14.32 0.09
N PHE B 305 -14.13 -12.98 0.19
CA PHE B 305 -12.88 -12.16 0.12
C PHE B 305 -11.88 -12.66 1.16
N SER B 306 -12.33 -12.83 2.41
CA SER B 306 -11.48 -13.21 3.57
C SER B 306 -10.91 -14.62 3.36
N ARG B 307 -11.74 -15.58 2.96
CA ARG B 307 -11.31 -16.98 2.66
C ARG B 307 -10.25 -16.94 1.56
N TYR B 308 -10.47 -16.13 0.52
CA TYR B 308 -9.60 -16.04 -0.68
C TYR B 308 -8.27 -15.36 -0.33
N VAL B 309 -8.32 -14.17 0.28
CA VAL B 309 -7.12 -13.29 0.42
C VAL B 309 -6.29 -13.71 1.65
N LEU B 310 -6.91 -14.17 2.74
CA LEU B 310 -6.19 -14.40 4.02
C LEU B 310 -5.59 -15.81 4.12
N GLU B 311 -5.95 -16.75 3.25
CA GLU B 311 -5.58 -18.19 3.44
C GLU B 311 -4.37 -18.56 2.58
N CYS B 312 -3.76 -19.71 2.92
CA CYS B 312 -2.64 -20.39 2.21
C CYS B 312 -1.33 -19.59 2.34
N HIS B 313 -1.25 -18.44 1.65
CA HIS B 313 -0.03 -17.63 1.41
C HIS B 313 1.23 -18.45 1.74
N MET C 24 4.83 25.12 -1.29
CA MET C 24 4.06 24.66 -0.11
C MET C 24 4.87 24.99 1.15
N LYS C 25 4.22 25.52 2.19
CA LYS C 25 4.86 25.87 3.47
C LYS C 25 4.69 24.72 4.46
N HIS C 26 5.75 24.40 5.21
CA HIS C 26 5.83 23.23 6.11
C HIS C 26 6.05 23.70 7.55
N GLY C 27 5.25 23.18 8.48
CA GLY C 27 5.36 23.51 9.91
C GLY C 27 5.40 22.28 10.78
N ILE C 28 5.60 22.52 12.08
CA ILE C 28 5.50 21.51 13.16
C ILE C 28 4.82 22.17 14.37
N TYR C 29 4.00 21.40 15.06
CA TYR C 29 3.37 21.80 16.35
C TYR C 29 4.43 21.75 17.44
N TYR C 30 4.60 22.85 18.18
CA TYR C 30 5.57 22.99 19.30
C TYR C 30 5.40 21.82 20.28
N ALA C 31 4.18 21.30 20.46
CA ALA C 31 3.83 20.30 21.51
C ALA C 31 4.55 18.95 21.28
N TYR C 32 5.15 18.76 20.10
CA TYR C 32 6.08 17.63 19.80
C TYR C 32 7.17 17.53 20.87
N TRP C 33 7.60 18.67 21.40
CA TRP C 33 8.73 18.81 22.36
C TRP C 33 8.24 18.99 23.81
N GLU C 34 6.95 19.32 24.02
CA GLU C 34 6.41 19.82 25.32
C GLU C 34 5.28 18.91 25.80
N GLN C 35 5.07 18.85 27.13
CA GLN C 35 4.06 17.98 27.77
C GLN C 35 2.89 18.81 28.33
N GLU C 36 2.86 20.12 28.08
CA GLU C 36 1.73 21.01 28.47
C GLU C 36 1.31 21.88 27.28
N TRP C 37 0.08 22.41 27.32
CA TRP C 37 -0.55 23.23 26.24
C TRP C 37 -0.09 24.69 26.36
N GLU C 38 1.18 24.89 26.69
CA GLU C 38 1.89 26.20 26.67
C GLU C 38 3.39 25.94 26.64
N ALA C 39 4.18 26.96 26.31
CA ALA C 39 5.66 26.90 26.24
C ALA C 39 6.21 28.29 25.96
N ASP C 40 7.53 28.43 26.06
CA ASP C 40 8.26 29.60 25.51
C ASP C 40 8.28 29.43 23.98
N TYR C 41 7.30 30.01 23.29
CA TYR C 41 7.12 29.87 21.83
C TYR C 41 8.32 30.48 21.10
N LYS C 42 8.98 31.50 21.70
CA LYS C 42 10.19 32.14 21.12
C LYS C 42 11.31 31.10 20.99
N TYR C 43 11.47 30.23 21.98
CA TYR C 43 12.43 29.10 21.99
C TYR C 43 12.17 28.18 20.79
N TYR C 44 10.90 27.92 20.48
CA TYR C 44 10.47 26.95 19.43
C TYR C 44 10.55 27.63 18.06
N ILE C 45 10.27 28.93 17.98
CA ILE C 45 10.46 29.72 16.72
C ILE C 45 11.93 29.60 16.30
N GLU C 46 12.87 29.88 17.21
CA GLU C 46 14.33 29.80 16.96
C GLU C 46 14.68 28.36 16.56
N LYS C 47 14.19 27.36 17.30
CA LYS C 47 14.50 25.93 16.99
C LYS C 47 14.07 25.59 15.57
N VAL C 48 12.80 25.80 15.22
CA VAL C 48 12.23 25.29 13.93
C VAL C 48 12.81 26.10 12.77
N ALA C 49 13.15 27.38 12.96
CA ALA C 49 13.88 28.20 11.97
C ALA C 49 15.22 27.52 11.65
N LYS C 50 15.97 27.10 12.67
CA LYS C 50 17.28 26.42 12.52
C LYS C 50 17.11 25.07 11.80
N LEU C 51 16.04 24.32 12.12
CA LEU C 51 15.76 22.99 11.50
C LEU C 51 15.25 23.17 10.07
N GLY C 52 14.83 24.37 9.68
CA GLY C 52 14.50 24.72 8.29
C GLY C 52 13.00 24.74 8.00
N PHE C 53 12.15 24.69 9.03
CA PHE C 53 10.67 24.80 8.87
C PHE C 53 10.30 26.21 8.43
N ASP C 54 9.14 26.34 7.78
CA ASP C 54 8.52 27.64 7.42
C ASP C 54 7.59 28.10 8.54
N ILE C 55 7.00 27.15 9.28
CA ILE C 55 5.85 27.42 10.19
C ILE C 55 6.11 26.79 11.56
N LEU C 56 5.78 27.51 12.63
CA LEU C 56 5.54 26.92 13.97
C LEU C 56 4.06 27.06 14.26
N GLU C 57 3.41 25.96 14.63
CA GLU C 57 2.04 25.98 15.19
C GLU C 57 2.16 26.04 16.71
N ILE C 58 1.37 26.90 17.33
CA ILE C 58 1.34 27.17 18.80
C ILE C 58 -0.09 26.95 19.29
N ALA C 59 -0.25 26.54 20.55
CA ALA C 59 -1.56 26.41 21.22
C ALA C 59 -2.09 27.81 21.56
N ALA C 60 -3.39 28.03 21.37
CA ALA C 60 -4.07 29.33 21.63
C ALA C 60 -4.17 29.61 23.13
N SER C 61 -4.24 28.58 23.99
CA SER C 61 -4.73 28.71 25.39
C SER C 61 -3.92 29.73 26.22
N PRO C 62 -2.58 29.88 26.10
CA PRO C 62 -1.88 30.92 26.86
C PRO C 62 -2.02 32.36 26.30
N LEU C 63 -2.47 32.52 25.06
CA LEU C 63 -2.52 33.83 24.36
C LEU C 63 -3.40 34.84 25.10
N PRO C 64 -4.55 34.45 25.70
CA PRO C 64 -5.33 35.37 26.52
C PRO C 64 -4.58 35.91 27.76
N PHE C 65 -3.49 35.27 28.17
CA PHE C 65 -2.64 35.66 29.34
C PHE C 65 -1.47 36.55 28.90
N TYR C 66 -1.36 36.85 27.60
CA TYR C 66 -0.30 37.72 27.03
C TYR C 66 -0.76 39.19 27.08
N SER C 67 0.12 40.07 27.54
CA SER C 67 0.03 41.54 27.37
C SER C 67 0.23 41.87 25.89
N ASP C 68 -0.16 43.07 25.44
CA ASP C 68 0.15 43.54 24.06
C ASP C 68 1.67 43.54 23.90
N ILE C 69 2.44 43.85 24.94
CA ILE C 69 3.94 43.82 24.87
C ILE C 69 4.39 42.40 24.49
N GLN C 70 3.86 41.39 25.15
CA GLN C 70 4.24 39.97 24.93
C GLN C 70 3.82 39.54 23.52
N ILE C 71 2.63 39.97 23.07
CA ILE C 71 2.12 39.66 21.69
C ILE C 71 3.11 40.25 20.68
N ASN C 72 3.46 41.54 20.82
CA ASN C 72 4.36 42.26 19.89
C ASN C 72 5.70 41.55 19.82
N GLU C 73 6.22 41.10 20.96
CA GLU C 73 7.59 40.54 21.02
C GLU C 73 7.56 39.11 20.46
N LEU C 74 6.45 38.38 20.59
CA LEU C 74 6.28 37.06 19.93
C LEU C 74 6.24 37.26 18.40
N LYS C 75 5.47 38.24 17.92
CA LYS C 75 5.35 38.56 16.47
C LYS C 75 6.73 38.96 15.92
N ALA C 76 7.48 39.80 16.65
CA ALA C 76 8.83 40.28 16.27
C ALA C 76 9.80 39.09 16.19
N CYS C 77 9.71 38.15 17.13
CA CYS C 77 10.54 36.92 17.16
C CYS C 77 10.25 36.09 15.90
N ALA C 78 8.98 35.81 15.60
CA ALA C 78 8.55 35.08 14.39
C ALA C 78 9.11 35.78 13.13
N HIS C 79 8.90 37.09 13.00
CA HIS C 79 9.38 37.92 11.87
C HIS C 79 10.91 37.84 11.76
N GLY C 80 11.61 37.96 12.89
CA GLY C 80 13.09 37.96 12.95
C GLY C 80 13.69 36.63 12.51
N ASN C 81 12.96 35.52 12.70
CA ASN C 81 13.46 34.14 12.39
C ASN C 81 12.84 33.63 11.08
N GLY C 82 12.07 34.47 10.38
CA GLY C 82 11.43 34.14 9.08
C GLY C 82 10.39 33.04 9.22
N ILE C 83 9.71 32.98 10.38
CA ILE C 83 8.71 31.92 10.72
C ILE C 83 7.31 32.51 10.64
N THR C 84 6.39 31.80 9.98
CA THR C 84 4.93 32.03 10.04
C THR C 84 4.36 31.26 11.24
N LEU C 85 3.50 31.91 12.03
CA LEU C 85 2.79 31.27 13.16
C LEU C 85 1.37 30.88 12.71
N THR C 86 0.99 29.63 12.97
CA THR C 86 -0.41 29.14 12.94
C THR C 86 -0.81 28.77 14.37
N VAL C 87 -2.11 28.67 14.63
CA VAL C 87 -2.66 28.42 15.98
C VAL C 87 -3.58 27.19 15.95
N GLY C 88 -3.38 26.29 16.92
CA GLY C 88 -4.29 25.18 17.22
C GLY C 88 -5.00 25.44 18.54
N HIS C 89 -6.28 25.12 18.60
CA HIS C 89 -7.07 25.21 19.86
C HIS C 89 -7.98 24.00 20.01
N GLY C 90 -7.93 23.38 21.18
CA GLY C 90 -8.90 22.42 21.69
C GLY C 90 -9.84 23.13 22.65
N PRO C 91 -11.06 23.53 22.23
CA PRO C 91 -11.90 24.38 23.07
C PRO C 91 -12.38 23.61 24.30
N SER C 92 -12.47 24.28 25.44
CA SER C 92 -13.07 23.75 26.69
C SER C 92 -14.59 23.68 26.52
N ALA C 93 -15.29 23.01 27.44
CA ALA C 93 -16.77 22.95 27.49
C ALA C 93 -17.36 24.37 27.52
N GLU C 94 -16.67 25.33 28.17
CA GLU C 94 -17.14 26.73 28.35
C GLU C 94 -17.01 27.51 27.04
N GLN C 95 -16.26 26.98 26.07
CA GLN C 95 -15.98 27.66 24.78
C GLN C 95 -16.72 26.94 23.64
N ASN C 96 -17.74 26.14 23.97
CA ASN C 96 -18.42 25.20 23.03
C ASN C 96 -19.52 25.96 22.27
N LEU C 97 -19.24 26.33 21.02
CA LEU C 97 -20.17 27.06 20.11
C LEU C 97 -21.42 26.21 19.80
N SER C 98 -21.36 24.90 20.02
CA SER C 98 -22.44 23.94 19.72
C SER C 98 -23.43 23.83 20.88
N SER C 99 -23.07 24.30 22.07
CA SER C 99 -23.79 24.05 23.36
C SER C 99 -25.27 24.44 23.26
N PRO C 100 -26.18 23.66 23.88
CA PRO C 100 -27.59 24.04 23.94
C PRO C 100 -27.84 25.20 24.91
N ASP C 101 -26.93 25.38 25.87
CA ASP C 101 -26.95 26.48 26.88
C ASP C 101 -26.53 27.78 26.19
N PRO C 102 -27.45 28.77 26.02
CA PRO C 102 -27.15 29.98 25.28
C PRO C 102 -26.10 30.89 25.96
N ASP C 103 -25.90 30.72 27.27
CA ASP C 103 -24.86 31.44 28.06
C ASP C 103 -23.47 30.97 27.61
N ILE C 104 -23.30 29.65 27.46
CA ILE C 104 -22.02 29.05 26.99
C ILE C 104 -21.73 29.53 25.56
N ARG C 105 -22.73 29.52 24.68
CA ARG C 105 -22.56 29.97 23.26
C ARG C 105 -22.12 31.44 23.25
N LYS C 106 -22.69 32.26 24.13
CA LYS C 106 -22.38 33.72 24.24
C LYS C 106 -20.94 33.89 24.73
N ASN C 107 -20.54 33.17 25.78
CA ASN C 107 -19.15 33.21 26.35
C ASN C 107 -18.15 32.70 25.31
N ALA C 108 -18.51 31.63 24.59
CA ALA C 108 -17.69 31.03 23.52
C ALA C 108 -17.41 32.09 22.44
N LYS C 109 -18.47 32.77 21.96
CA LYS C 109 -18.36 33.80 20.90
C LYS C 109 -17.44 34.93 21.39
N ALA C 110 -17.55 35.32 22.65
CA ALA C 110 -16.70 36.37 23.29
C ALA C 110 -15.25 35.88 23.30
N PHE C 111 -15.02 34.62 23.67
CA PHE C 111 -13.66 34.01 23.73
C PHE C 111 -13.00 34.09 22.36
N TYR C 112 -13.71 33.66 21.29
CA TYR C 112 -13.17 33.60 19.90
C TYR C 112 -12.94 35.01 19.37
N THR C 113 -13.85 35.94 19.68
CA THR C 113 -13.73 37.38 19.27
C THR C 113 -12.43 37.94 19.83
N ASP C 114 -12.19 37.79 21.13
CA ASP C 114 -10.92 38.19 21.80
C ASP C 114 -9.72 37.48 21.14
N LEU C 115 -9.80 36.16 20.97
CA LEU C 115 -8.68 35.33 20.45
C LEU C 115 -8.32 35.76 19.03
N LEU C 116 -9.32 35.93 18.18
CA LEU C 116 -9.13 36.29 16.75
C LEU C 116 -8.48 37.68 16.68
N LYS C 117 -8.82 38.58 17.60
CA LYS C 117 -8.20 39.93 17.70
C LYS C 117 -6.72 39.79 18.13
N ARG C 118 -6.41 38.88 19.07
CA ARG C 118 -5.00 38.59 19.46
C ARG C 118 -4.25 38.06 18.23
N LEU C 119 -4.87 37.15 17.48
CA LEU C 119 -4.28 36.56 16.26
C LEU C 119 -4.00 37.68 15.25
N TYR C 120 -4.90 38.67 15.13
CA TYR C 120 -4.68 39.84 14.24
C TYR C 120 -3.42 40.59 14.69
N LYS C 121 -3.28 40.83 16.00
CA LYS C 121 -2.10 41.53 16.58
C LYS C 121 -0.84 40.67 16.40
N LEU C 122 -0.97 39.34 16.40
CA LEU C 122 0.15 38.37 16.27
C LEU C 122 0.57 38.22 14.79
N ASP C 123 -0.26 38.68 13.85
CA ASP C 123 -0.08 38.48 12.40
C ASP C 123 -0.28 37.00 12.05
N VAL C 124 -1.21 36.34 12.75
CA VAL C 124 -1.61 34.91 12.54
C VAL C 124 -2.86 34.91 11.66
N HIS C 125 -2.83 34.18 10.55
CA HIS C 125 -3.91 34.18 9.53
C HIS C 125 -4.60 32.81 9.47
N LEU C 126 -4.34 31.93 10.45
CA LEU C 126 -4.95 30.57 10.47
C LEU C 126 -5.07 30.07 11.90
N ILE C 127 -6.29 29.68 12.29
CA ILE C 127 -6.57 28.90 13.53
C ILE C 127 -7.23 27.59 13.12
N GLY C 128 -6.87 26.50 13.80
CA GLY C 128 -7.36 25.14 13.46
C GLY C 128 -7.71 24.34 14.69
N GLY C 129 -8.68 23.44 14.56
CA GLY C 129 -9.07 22.48 15.61
C GLY C 129 -10.55 22.18 15.57
N ALA C 130 -11.07 21.60 16.66
CA ALA C 130 -12.49 21.25 16.83
C ALA C 130 -13.29 22.51 17.23
N LEU C 131 -13.19 23.58 16.43
CA LEU C 131 -13.68 24.95 16.78
C LEU C 131 -15.21 25.01 16.72
N TYR C 132 -15.84 24.03 16.07
CA TYR C 132 -17.31 23.85 15.94
C TYR C 132 -17.88 23.20 17.20
N SER C 133 -17.01 22.70 18.08
CA SER C 133 -17.37 21.84 19.24
C SER C 133 -16.42 22.15 20.41
N TYR C 134 -15.98 21.12 21.13
CA TYR C 134 -14.96 21.23 22.20
C TYR C 134 -14.14 19.94 22.21
N TRP C 135 -13.01 19.96 22.92
CA TRP C 135 -11.98 18.88 22.92
C TRP C 135 -11.10 19.01 24.15
N PRO C 136 -10.87 17.93 24.93
CA PRO C 136 -11.57 16.66 24.75
C PRO C 136 -13.06 16.77 25.16
N ILE C 137 -13.94 15.91 24.63
CA ILE C 137 -15.40 15.93 24.93
C ILE C 137 -15.70 14.95 26.07
N ASP C 138 -16.80 15.19 26.79
CA ASP C 138 -17.40 14.26 27.77
C ASP C 138 -18.37 13.34 27.02
N TYR C 139 -18.03 12.05 26.90
CA TYR C 139 -18.78 11.05 26.09
C TYR C 139 -19.82 10.32 26.95
N THR C 140 -19.89 10.59 28.25
CA THR C 140 -20.95 10.07 29.17
C THR C 140 -22.24 10.86 28.92
N LYS C 141 -22.12 12.15 28.58
CA LYS C 141 -23.24 13.05 28.17
C LYS C 141 -24.10 12.37 27.11
N THR C 142 -25.42 12.58 27.17
CA THR C 142 -26.37 12.27 26.07
C THR C 142 -25.95 13.06 24.82
N ILE C 143 -25.85 12.39 23.67
CA ILE C 143 -25.40 13.00 22.38
C ILE C 143 -26.64 13.46 21.61
N ASP C 144 -26.69 14.76 21.29
CA ASP C 144 -27.70 15.35 20.38
C ASP C 144 -26.97 15.92 19.17
N LYS C 145 -26.58 15.06 18.23
CA LYS C 145 -25.72 15.41 17.06
C LYS C 145 -26.44 16.46 16.21
N LYS C 146 -27.69 16.21 15.83
CA LYS C 146 -28.46 17.10 14.91
C LYS C 146 -28.64 18.47 15.57
N GLY C 147 -28.90 18.51 16.88
CA GLY C 147 -29.05 19.77 17.64
C GLY C 147 -27.74 20.55 17.73
N ASP C 148 -26.67 19.88 18.15
CA ASP C 148 -25.31 20.48 18.26
C ASP C 148 -24.89 20.98 16.88
N TRP C 149 -25.17 20.20 15.83
CA TRP C 149 -24.82 20.51 14.43
C TRP C 149 -25.45 21.84 14.02
N GLU C 150 -26.76 21.99 14.26
CA GLU C 150 -27.54 23.19 13.83
C GLU C 150 -27.04 24.41 14.60
N ARG C 151 -26.89 24.30 15.93
CA ARG C 151 -26.40 25.40 16.80
C ARG C 151 -24.97 25.78 16.39
N SER C 152 -24.11 24.80 16.16
CA SER C 152 -22.68 25.00 15.78
C SER C 152 -22.59 25.79 14.47
N VAL C 153 -23.31 25.36 13.42
CA VAL C 153 -23.31 26.04 12.08
C VAL C 153 -23.66 27.52 12.27
N GLU C 154 -24.72 27.81 13.03
CA GLU C 154 -25.20 29.20 13.31
C GLU C 154 -24.08 29.98 14.00
N SER C 155 -23.52 29.43 15.09
CA SER C 155 -22.45 30.03 15.93
C SER C 155 -21.17 30.29 15.10
N VAL C 156 -20.73 29.30 14.31
CA VAL C 156 -19.49 29.41 13.48
C VAL C 156 -19.70 30.51 12.43
N ARG C 157 -20.89 30.59 11.83
CA ARG C 157 -21.23 31.62 10.81
C ARG C 157 -21.04 33.02 11.44
N GLU C 158 -21.47 33.22 12.69
CA GLU C 158 -21.27 34.50 13.42
C GLU C 158 -19.78 34.75 13.63
N VAL C 159 -19.08 33.77 14.21
CA VAL C 159 -17.64 33.89 14.57
C VAL C 159 -16.84 34.16 13.29
N ALA C 160 -17.28 33.61 12.16
CA ALA C 160 -16.61 33.74 10.83
C ALA C 160 -16.56 35.20 10.40
N LYS C 161 -17.51 36.02 10.82
CA LYS C 161 -17.55 37.49 10.51
C LYS C 161 -16.38 38.17 11.22
N VAL C 162 -16.06 37.74 12.45
CA VAL C 162 -14.90 38.27 13.24
C VAL C 162 -13.61 37.77 12.61
N ALA C 163 -13.57 36.49 12.20
CA ALA C 163 -12.39 35.85 11.57
C ALA C 163 -12.03 36.60 10.29
N GLU C 164 -13.03 36.96 9.47
CA GLU C 164 -12.84 37.74 8.22
C GLU C 164 -12.25 39.12 8.56
N ALA C 165 -12.84 39.80 9.54
CA ALA C 165 -12.39 41.14 10.02
C ALA C 165 -10.93 41.06 10.49
N CYS C 166 -10.52 39.93 11.09
CA CYS C 166 -9.17 39.73 11.68
C CYS C 166 -8.20 39.07 10.69
N GLY C 167 -8.65 38.77 9.47
CA GLY C 167 -7.82 38.18 8.40
C GLY C 167 -7.42 36.74 8.71
N VAL C 168 -8.29 35.97 9.38
CA VAL C 168 -8.00 34.59 9.88
C VAL C 168 -8.87 33.58 9.13
N ASP C 169 -8.24 32.50 8.65
CA ASP C 169 -8.93 31.26 8.19
C ASP C 169 -9.28 30.45 9.44
N PHE C 170 -10.59 30.23 9.64
CA PHE C 170 -11.19 29.45 10.75
C PHE C 170 -11.37 27.99 10.29
N CYS C 171 -10.41 27.12 10.64
CA CYS C 171 -10.28 25.77 10.04
C CYS C 171 -10.86 24.71 10.96
N LEU C 172 -11.91 24.02 10.48
CA LEU C 172 -12.68 23.01 11.24
C LEU C 172 -12.02 21.65 11.04
N GLU C 173 -11.40 21.12 12.10
CA GLU C 173 -10.65 19.85 12.06
C GLU C 173 -11.63 18.67 12.04
N VAL C 174 -11.48 17.79 11.07
CA VAL C 174 -12.23 16.50 11.01
C VAL C 174 -11.52 15.52 11.94
N LEU C 175 -12.22 15.01 12.96
CA LEU C 175 -11.66 14.16 14.04
C LEU C 175 -12.22 12.74 13.96
N ASN C 176 -11.46 11.77 14.46
CA ASN C 176 -11.91 10.37 14.61
C ASN C 176 -13.04 10.32 15.67
N ARG C 177 -13.84 9.27 15.62
CA ARG C 177 -15.08 9.08 16.43
C ARG C 177 -14.78 9.11 17.94
N PHE C 178 -13.57 8.77 18.37
CA PHE C 178 -13.20 8.66 19.80
C PHE C 178 -13.03 10.07 20.42
N GLU C 179 -12.82 11.10 19.61
CA GLU C 179 -12.47 12.46 20.08
C GLU C 179 -13.62 13.44 19.79
N ASN C 180 -14.56 13.07 18.92
CA ASN C 180 -15.67 13.96 18.50
C ASN C 180 -16.72 13.13 17.75
N TYR C 181 -17.98 13.57 17.78
CA TYR C 181 -19.16 12.88 17.17
C TYR C 181 -19.74 13.70 16.02
N LEU C 182 -19.37 14.98 15.89
CA LEU C 182 -20.05 15.93 14.98
C LEU C 182 -19.53 15.77 13.54
N ILE C 183 -18.21 15.78 13.36
CA ILE C 183 -17.54 15.77 12.02
C ILE C 183 -16.41 14.73 12.04
N ASN C 184 -16.65 13.56 11.46
CA ASN C 184 -15.71 12.40 11.50
C ASN C 184 -15.08 12.12 10.12
N THR C 185 -15.65 12.61 9.01
CA THR C 185 -15.13 12.40 7.63
C THR C 185 -15.00 13.73 6.88
N ALA C 186 -14.20 13.75 5.83
CA ALA C 186 -14.04 14.91 4.92
C ALA C 186 -15.42 15.33 4.40
N GLN C 187 -16.28 14.38 4.02
CA GLN C 187 -17.62 14.66 3.45
C GLN C 187 -18.47 15.43 4.47
N GLU C 188 -18.48 14.98 5.73
CA GLU C 188 -19.20 15.69 6.83
C GLU C 188 -18.65 17.11 6.97
N GLY C 189 -17.31 17.26 6.90
CA GLY C 189 -16.64 18.57 6.99
C GLY C 189 -17.12 19.49 5.88
N VAL C 190 -17.10 19.00 4.64
CA VAL C 190 -17.59 19.75 3.45
C VAL C 190 -19.06 20.13 3.68
N ASP C 191 -19.87 19.18 4.15
CA ASP C 191 -21.32 19.41 4.42
C ASP C 191 -21.47 20.58 5.41
N PHE C 192 -20.74 20.54 6.53
CA PHE C 192 -20.80 21.55 7.61
C PHE C 192 -20.39 22.92 7.03
N VAL C 193 -19.24 22.98 6.36
CA VAL C 193 -18.65 24.25 5.87
C VAL C 193 -19.55 24.84 4.77
N LYS C 194 -20.08 24.01 3.88
CA LYS C 194 -21.08 24.40 2.83
C LYS C 194 -22.29 25.04 3.51
N GLN C 195 -22.78 24.42 4.59
CA GLN C 195 -23.98 24.89 5.33
C GLN C 195 -23.66 26.21 6.04
N VAL C 196 -22.44 26.37 6.58
CA VAL C 196 -21.99 27.65 7.21
C VAL C 196 -22.00 28.75 6.14
N ASP C 197 -21.48 28.44 4.96
CA ASP C 197 -21.50 29.31 3.75
C ASP C 197 -20.79 30.63 4.08
N HIS C 198 -19.50 30.57 4.42
CA HIS C 198 -18.63 31.75 4.66
C HIS C 198 -17.19 31.44 4.23
N ASN C 199 -16.58 32.35 3.48
CA ASN C 199 -15.26 32.17 2.80
C ASN C 199 -14.13 31.90 3.80
N ASN C 200 -14.26 32.38 5.05
CA ASN C 200 -13.17 32.30 6.06
C ASN C 200 -13.28 31.00 6.86
N VAL C 201 -14.30 30.17 6.60
CA VAL C 201 -14.44 28.83 7.22
C VAL C 201 -13.98 27.77 6.22
N LYS C 202 -13.10 26.89 6.68
CA LYS C 202 -12.39 25.89 5.85
C LYS C 202 -12.48 24.53 6.52
N VAL C 203 -12.39 23.47 5.72
CA VAL C 203 -12.16 22.08 6.20
C VAL C 203 -10.66 21.95 6.49
N MET C 204 -10.33 21.32 7.62
CA MET C 204 -8.95 20.93 7.97
C MET C 204 -8.92 19.41 8.11
N LEU C 205 -8.02 18.75 7.39
CA LEU C 205 -7.84 17.28 7.47
C LEU C 205 -6.57 16.98 8.25
N ASP C 206 -6.51 15.79 8.83
CA ASP C 206 -5.39 15.30 9.65
C ASP C 206 -5.18 13.82 9.29
N THR C 207 -3.99 13.46 8.82
CA THR C 207 -3.64 12.09 8.35
C THR C 207 -3.95 11.08 9.46
N PHE C 208 -3.76 11.45 10.73
CA PHE C 208 -4.03 10.56 11.89
C PHE C 208 -5.53 10.27 11.98
N HIS C 209 -6.35 11.30 11.77
CA HIS C 209 -7.84 11.21 11.88
C HIS C 209 -8.40 10.53 10.62
N MET C 210 -7.92 10.91 9.44
CA MET C 210 -8.31 10.28 8.15
C MET C 210 -8.00 8.78 8.20
N ASN C 211 -6.88 8.42 8.82
CA ASN C 211 -6.39 7.01 8.89
C ASN C 211 -7.48 6.11 9.51
N ILE C 212 -8.27 6.63 10.45
CA ILE C 212 -9.31 5.83 11.15
C ILE C 212 -10.62 5.82 10.34
N GLU C 213 -11.11 7.00 9.91
CA GLU C 213 -12.54 7.17 9.51
C GLU C 213 -12.73 7.01 7.99
N GLU C 214 -11.73 7.31 7.16
CA GLU C 214 -11.94 7.47 5.70
C GLU C 214 -11.86 6.11 4.99
N ASP C 215 -12.68 5.92 3.95
CA ASP C 215 -12.55 4.76 3.02
C ASP C 215 -11.27 4.94 2.19
N SER C 216 -10.98 6.18 1.77
CA SER C 216 -9.87 6.57 0.86
C SER C 216 -9.22 7.86 1.35
N ILE C 217 -7.89 7.92 1.38
CA ILE C 217 -7.14 9.14 1.82
C ILE C 217 -7.19 10.15 0.67
N GLY C 218 -6.71 9.75 -0.52
CA GLY C 218 -6.78 10.56 -1.75
C GLY C 218 -8.20 11.04 -2.03
N GLY C 219 -9.18 10.14 -1.86
CA GLY C 219 -10.62 10.43 -2.03
C GLY C 219 -11.10 11.51 -1.06
N ALA C 220 -10.74 11.40 0.22
CA ALA C 220 -11.08 12.36 1.30
C ALA C 220 -10.53 13.74 0.94
N ILE C 221 -9.26 13.82 0.51
CA ILE C 221 -8.59 15.09 0.11
C ILE C 221 -9.30 15.69 -1.10
N ARG C 222 -9.66 14.86 -2.09
CA ARG C 222 -10.34 15.33 -3.33
C ARG C 222 -11.76 15.78 -2.95
N THR C 223 -12.43 15.09 -2.03
CA THR C 223 -13.76 15.48 -1.51
C THR C 223 -13.69 16.89 -0.91
N ALA C 224 -12.70 17.15 -0.06
CA ALA C 224 -12.46 18.46 0.58
C ALA C 224 -12.22 19.51 -0.50
N GLY C 225 -11.39 19.19 -1.50
CA GLY C 225 -11.10 20.05 -2.66
C GLY C 225 -10.84 21.49 -2.25
N SER C 226 -11.62 22.43 -2.79
CA SER C 226 -11.39 23.89 -2.62
C SER C 226 -11.66 24.32 -1.17
N TYR C 227 -12.33 23.50 -0.36
CA TYR C 227 -12.64 23.78 1.07
C TYR C 227 -11.47 23.41 1.99
N LEU C 228 -10.45 22.71 1.50
CA LEU C 228 -9.29 22.32 2.36
C LEU C 228 -8.43 23.56 2.64
N GLY C 229 -8.37 24.00 3.90
CA GLY C 229 -7.64 25.21 4.31
C GLY C 229 -6.38 24.90 5.11
N HIS C 230 -6.22 23.66 5.59
CA HIS C 230 -5.05 23.25 6.42
C HIS C 230 -4.94 21.72 6.43
N LEU C 231 -3.71 21.21 6.52
CA LEU C 231 -3.44 19.76 6.64
C LEU C 231 -2.47 19.53 7.80
N HIS C 232 -2.90 18.72 8.77
CA HIS C 232 -2.03 18.16 9.82
C HIS C 232 -1.52 16.78 9.37
N THR C 233 -0.25 16.49 9.64
CA THR C 233 0.41 15.22 9.27
C THR C 233 0.97 14.56 10.53
N GLY C 234 1.00 13.23 10.49
CA GLY C 234 1.56 12.34 11.51
C GLY C 234 1.29 10.93 11.07
N GLU C 235 2.09 9.97 11.51
CA GLU C 235 1.87 8.55 11.15
C GLU C 235 0.61 8.08 11.89
N CYS C 236 0.20 6.85 11.63
CA CYS C 236 -1.01 6.21 12.22
C CYS C 236 -0.98 6.31 13.75
N ASN C 237 0.22 6.21 14.35
CA ASN C 237 0.44 6.21 15.82
C ASN C 237 1.08 7.54 16.25
N ARG C 238 1.00 8.55 15.38
CA ARG C 238 1.36 9.98 15.61
C ARG C 238 2.89 10.18 15.65
N LYS C 239 3.66 9.22 15.13
CA LYS C 239 5.11 9.43 14.90
C LYS C 239 5.29 10.50 13.83
N VAL C 240 6.51 11.00 13.65
CA VAL C 240 6.82 12.01 12.60
C VAL C 240 6.62 11.33 11.24
N PRO C 241 6.12 12.06 10.21
CA PRO C 241 5.90 11.47 8.89
C PRO C 241 7.12 10.74 8.30
N GLY C 242 6.90 9.52 7.78
CA GLY C 242 7.81 8.93 6.77
C GLY C 242 8.01 7.43 6.90
N ARG C 243 8.04 6.90 8.13
CA ARG C 243 8.52 5.53 8.42
C ARG C 243 7.35 4.63 8.83
N GLY C 244 6.11 5.12 8.74
CA GLY C 244 4.90 4.36 9.10
C GLY C 244 4.07 4.03 7.88
N ARG C 245 2.75 3.88 8.05
CA ARG C 245 1.85 3.27 7.03
C ARG C 245 1.00 4.34 6.34
N ILE C 246 1.14 5.62 6.68
CA ILE C 246 0.35 6.70 6.00
C ILE C 246 0.77 6.76 4.54
N PRO C 247 -0.17 6.77 3.58
CA PRO C 247 0.19 6.77 2.16
C PRO C 247 0.54 8.16 1.65
N TRP C 248 1.78 8.59 1.92
CA TRP C 248 2.26 9.98 1.69
C TRP C 248 2.23 10.32 0.19
N VAL C 249 2.60 9.38 -0.66
CA VAL C 249 2.64 9.61 -2.14
C VAL C 249 1.20 9.87 -2.61
N GLU C 250 0.25 9.07 -2.14
CA GLU C 250 -1.19 9.23 -2.50
C GLU C 250 -1.67 10.61 -2.06
N ILE C 251 -1.22 11.09 -0.90
CA ILE C 251 -1.59 12.43 -0.34
C ILE C 251 -1.01 13.53 -1.26
N GLY C 252 0.27 13.47 -1.59
CA GLY C 252 0.92 14.42 -2.52
C GLY C 252 0.16 14.52 -3.82
N GLU C 253 -0.20 13.37 -4.39
CA GLU C 253 -0.98 13.27 -5.65
C GLU C 253 -2.33 13.97 -5.48
N ALA C 254 -3.06 13.71 -4.40
CA ALA C 254 -4.40 14.29 -4.16
C ALA C 254 -4.30 15.80 -3.91
N LEU C 255 -3.28 16.25 -3.17
CA LEU C 255 -3.04 17.69 -2.92
C LEU C 255 -2.82 18.39 -4.27
N ALA C 256 -2.03 17.76 -5.15
CA ALA C 256 -1.78 18.27 -6.53
C ALA C 256 -3.10 18.31 -7.31
N ASP C 257 -3.93 17.27 -7.20
CA ASP C 257 -5.22 17.15 -7.94
C ASP C 257 -6.12 18.34 -7.59
N ILE C 258 -6.13 18.78 -6.32
CA ILE C 258 -7.04 19.86 -5.84
C ILE C 258 -6.29 21.20 -5.89
N GLY C 259 -5.07 21.22 -6.44
CA GLY C 259 -4.22 22.42 -6.54
C GLY C 259 -4.06 23.08 -5.19
N TYR C 260 -3.74 22.30 -4.16
CA TYR C 260 -3.72 22.74 -2.74
C TYR C 260 -2.81 23.97 -2.59
N ASN C 261 -3.41 25.12 -2.30
CA ASN C 261 -2.75 26.41 -1.96
C ASN C 261 -2.94 26.64 -0.46
N GLY C 262 -2.02 26.10 0.33
CA GLY C 262 -2.11 26.04 1.81
C GLY C 262 -0.89 25.36 2.39
N SER C 263 -0.83 25.26 3.72
CA SER C 263 0.35 24.77 4.47
C SER C 263 0.09 23.35 4.99
N VAL C 264 1.17 22.67 5.36
CA VAL C 264 1.17 21.30 5.94
C VAL C 264 1.93 21.36 7.26
N VAL C 265 1.25 21.14 8.38
CA VAL C 265 1.89 21.18 9.72
C VAL C 265 1.92 19.76 10.26
N MET C 266 3.10 19.21 10.53
CA MET C 266 3.21 17.90 11.21
C MET C 266 2.90 18.11 12.70
N GLU C 267 2.16 17.15 13.26
CA GLU C 267 1.61 17.19 14.63
C GLU C 267 1.98 15.88 15.33
N PRO C 268 3.29 15.58 15.47
CA PRO C 268 3.71 14.31 16.07
C PRO C 268 3.69 14.40 17.59
N PHE C 269 3.34 13.29 18.23
CA PHE C 269 3.32 13.13 19.70
C PHE C 269 3.93 11.76 20.01
N VAL C 270 5.13 11.75 20.59
CA VAL C 270 5.90 10.50 20.83
C VAL C 270 6.29 10.39 22.31
N ARG C 271 5.83 11.30 23.20
CA ARG C 271 6.27 11.36 24.61
C ARG C 271 5.10 11.18 25.56
N MET C 272 5.27 10.31 26.56
CA MET C 272 4.34 10.12 27.70
C MET C 272 4.43 11.34 28.63
N GLY C 273 3.36 11.58 29.42
CA GLY C 273 3.41 12.45 30.61
C GLY C 273 2.81 13.82 30.37
N GLY C 274 2.37 14.47 31.46
CA GLY C 274 1.76 15.81 31.46
C GLY C 274 0.37 15.77 30.85
N THR C 275 -0.24 16.94 30.63
CA THR C 275 -1.58 17.10 30.03
C THR C 275 -1.56 16.62 28.57
N VAL C 276 -0.46 16.83 27.85
CA VAL C 276 -0.31 16.46 26.41
C VAL C 276 -0.34 14.93 26.31
N GLY C 277 0.55 14.24 27.03
CA GLY C 277 0.63 12.77 27.08
C GLY C 277 -0.70 12.14 27.43
N SER C 278 -1.43 12.75 28.37
CA SER C 278 -2.75 12.28 28.87
C SER C 278 -3.83 12.53 27.81
N ASN C 279 -3.93 13.77 27.30
CA ASN C 279 -4.95 14.17 26.29
C ASN C 279 -4.74 13.40 24.99
N ILE C 280 -3.48 13.16 24.60
CA ILE C 280 -3.11 12.48 23.32
C ILE C 280 -3.03 10.96 23.57
N LYS C 281 -3.08 10.54 24.85
CA LYS C 281 -3.21 9.11 25.26
C LYS C 281 -1.99 8.34 24.77
N VAL C 282 -0.80 8.87 25.05
CA VAL C 282 0.52 8.21 24.82
C VAL C 282 0.85 7.43 26.10
N TRP C 283 0.68 6.11 26.08
CA TRP C 283 0.78 5.22 27.28
C TRP C 283 2.01 4.30 27.19
N ARG C 284 2.88 4.52 26.21
CA ARG C 284 4.21 3.87 26.06
C ARG C 284 5.17 4.92 25.48
N ASP C 285 6.47 4.71 25.61
CA ASP C 285 7.50 5.62 25.05
C ASP C 285 7.61 5.36 23.55
N ILE C 286 6.78 6.04 22.76
CA ILE C 286 6.76 5.95 21.26
C ILE C 286 8.07 6.54 20.71
N SER C 287 8.72 7.44 21.47
CA SER C 287 9.96 8.16 21.07
C SER C 287 11.18 7.24 21.14
N ASN C 288 11.05 6.08 21.79
CA ASN C 288 12.15 5.10 22.00
CA ASN C 288 12.16 5.11 21.98
C ASN C 288 13.36 5.84 22.59
N GLY C 289 13.14 6.52 23.72
CA GLY C 289 14.17 7.18 24.56
C GLY C 289 14.78 8.42 23.93
N ALA C 290 14.14 9.04 22.94
CA ALA C 290 14.69 10.20 22.19
C ALA C 290 14.94 11.38 23.16
N ASP C 291 16.12 11.98 23.11
CA ASP C 291 16.43 13.26 23.81
C ASP C 291 16.06 14.40 22.86
N GLU C 292 16.21 15.65 23.30
CA GLU C 292 15.78 16.82 22.50
C GLU C 292 16.47 16.80 21.13
N LYS C 293 17.78 16.52 21.08
CA LYS C 293 18.57 16.50 19.82
C LYS C 293 18.04 15.40 18.90
N MET C 294 17.66 14.25 19.46
CA MET C 294 17.10 13.12 18.66
C MET C 294 15.74 13.57 18.08
N LEU C 295 14.89 14.22 18.88
CA LEU C 295 13.58 14.74 18.42
C LEU C 295 13.79 15.76 17.30
N ASP C 296 14.79 16.64 17.45
CA ASP C 296 15.18 17.65 16.42
C ASP C 296 15.56 16.92 15.12
N ARG C 297 16.45 15.92 15.21
CA ARG C 297 16.99 15.20 14.02
C ARG C 297 15.83 14.55 13.26
N GLU C 298 14.93 13.87 13.99
CA GLU C 298 13.80 13.13 13.37
C GLU C 298 12.79 14.12 12.77
N ALA C 299 12.51 15.25 13.43
CA ALA C 299 11.64 16.32 12.89
C ALA C 299 12.24 16.84 11.56
N GLN C 300 13.55 17.08 11.52
CA GLN C 300 14.22 17.62 10.31
C GLN C 300 14.19 16.57 9.19
N ALA C 301 14.42 15.29 9.51
CA ALA C 301 14.33 14.17 8.54
C ALA C 301 12.89 14.09 7.99
N ALA C 302 11.88 14.20 8.86
CA ALA C 302 10.45 14.17 8.49
C ALA C 302 10.10 15.37 7.61
N LEU C 303 10.75 16.51 7.84
CA LEU C 303 10.55 17.76 7.05
C LEU C 303 11.13 17.57 5.65
N ASP C 304 12.36 17.05 5.55
CA ASP C 304 13.00 16.72 4.26
C ASP C 304 12.07 15.79 3.48
N PHE C 305 11.62 14.71 4.14
CA PHE C 305 10.68 13.70 3.56
C PHE C 305 9.44 14.41 3.03
N SER C 306 8.81 15.27 3.85
CA SER C 306 7.52 15.94 3.53
C SER C 306 7.67 16.85 2.31
N ARG C 307 8.75 17.64 2.26
CA ARG C 307 9.04 18.52 1.10
C ARG C 307 9.21 17.67 -0.16
N TYR C 308 9.98 16.58 -0.06
CA TYR C 308 10.32 15.69 -1.20
C TYR C 308 9.05 15.00 -1.72
N VAL C 309 8.28 14.39 -0.82
CA VAL C 309 7.21 13.42 -1.19
C VAL C 309 5.87 14.13 -1.44
N LEU C 310 5.57 15.24 -0.74
CA LEU C 310 4.21 15.84 -0.78
C LEU C 310 4.09 16.91 -1.87
N GLU C 311 5.19 17.46 -2.39
CA GLU C 311 5.15 18.72 -3.19
C GLU C 311 4.98 18.42 -4.68
N CYS C 312 4.26 19.32 -5.38
CA CYS C 312 4.06 19.45 -6.85
C CYS C 312 4.11 18.09 -7.57
N HIS C 313 3.04 17.30 -7.46
CA HIS C 313 2.75 16.13 -8.33
C HIS C 313 1.99 16.61 -9.56
N MET D 24 24.46 1.26 7.37
CA MET D 24 24.09 0.93 5.96
C MET D 24 24.74 1.97 5.03
N LYS D 25 25.47 1.51 4.02
CA LYS D 25 26.17 2.38 3.04
C LYS D 25 25.28 2.55 1.81
N HIS D 26 25.13 3.79 1.33
CA HIS D 26 24.28 4.17 0.17
C HIS D 26 25.15 4.61 -1.01
N GLY D 27 24.82 4.13 -2.20
CA GLY D 27 25.49 4.50 -3.46
C GLY D 27 24.52 4.81 -4.57
N ILE D 28 25.06 5.19 -5.73
CA ILE D 28 24.31 5.42 -6.98
C ILE D 28 25.19 4.96 -8.15
N TYR D 29 24.54 4.42 -9.19
CA TYR D 29 25.18 4.00 -10.46
C TYR D 29 25.50 5.26 -11.27
N TYR D 30 26.74 5.42 -11.70
CA TYR D 30 27.24 6.57 -12.50
C TYR D 30 26.32 6.78 -13.72
N ALA D 31 25.74 5.70 -14.26
CA ALA D 31 24.99 5.66 -15.54
C ALA D 31 23.69 6.48 -15.47
N TYR D 32 23.24 6.84 -14.27
CA TYR D 32 22.13 7.81 -14.02
C TYR D 32 22.37 9.08 -14.84
N TRP D 33 23.65 9.46 -15.03
CA TRP D 33 24.08 10.74 -15.65
C TRP D 33 24.51 10.55 -17.11
N GLU D 34 24.69 9.31 -17.59
CA GLU D 34 25.43 8.99 -18.85
C GLU D 34 24.58 8.09 -19.77
N GLN D 35 24.76 8.24 -21.08
CA GLN D 35 23.99 7.48 -22.11
C GLN D 35 24.86 6.37 -22.72
N GLU D 36 26.10 6.19 -22.24
CA GLU D 36 27.01 5.10 -22.70
C GLU D 36 27.58 4.37 -21.48
N TRP D 37 27.97 3.10 -21.65
CA TRP D 37 28.42 2.19 -20.57
C TRP D 37 29.90 2.45 -20.21
N GLU D 38 30.27 3.72 -20.17
CA GLU D 38 31.59 4.19 -19.67
C GLU D 38 31.53 5.71 -19.49
N ALA D 39 32.45 6.24 -18.70
CA ALA D 39 32.61 7.68 -18.43
C ALA D 39 33.89 7.87 -17.63
N ASP D 40 34.27 9.12 -17.39
CA ASP D 40 35.33 9.46 -16.40
C ASP D 40 34.75 9.18 -15.01
N TYR D 41 35.07 8.02 -14.44
CA TYR D 41 34.56 7.57 -13.11
C TYR D 41 35.05 8.53 -12.02
N LYS D 42 36.23 9.11 -12.18
CA LYS D 42 36.82 10.06 -11.20
C LYS D 42 35.91 11.28 -11.07
N TYR D 43 35.35 11.77 -12.18
CA TYR D 43 34.37 12.88 -12.22
C TYR D 43 33.17 12.55 -11.31
N TYR D 44 32.69 11.30 -11.34
CA TYR D 44 31.46 10.86 -10.64
C TYR D 44 31.80 10.55 -9.18
N ILE D 45 33.01 10.07 -8.90
CA ILE D 45 33.53 9.92 -7.51
C ILE D 45 33.42 11.30 -6.83
N GLU D 46 33.98 12.34 -7.45
CA GLU D 46 33.96 13.73 -6.92
C GLU D 46 32.50 14.17 -6.71
N LYS D 47 31.65 14.00 -7.72
CA LYS D 47 30.23 14.43 -7.68
C LYS D 47 29.49 13.78 -6.50
N VAL D 48 29.52 12.45 -6.40
CA VAL D 48 28.66 11.70 -5.43
C VAL D 48 29.21 11.93 -4.01
N ALA D 49 30.53 12.16 -3.87
CA ALA D 49 31.15 12.60 -2.60
C ALA D 49 30.51 13.93 -2.19
N LYS D 50 30.43 14.89 -3.12
CA LYS D 50 29.81 16.22 -2.89
C LYS D 50 28.33 16.04 -2.52
N LEU D 51 27.62 15.08 -3.13
CA LEU D 51 26.16 14.87 -2.88
C LEU D 51 25.94 14.09 -1.57
N GLY D 52 26.97 13.44 -1.04
CA GLY D 52 26.94 12.78 0.29
C GLY D 52 26.77 11.27 0.20
N PHE D 53 26.91 10.66 -0.98
CA PHE D 53 26.87 9.18 -1.16
C PHE D 53 28.12 8.55 -0.52
N ASP D 54 27.97 7.33 -0.03
CA ASP D 54 29.08 6.47 0.47
C ASP D 54 29.71 5.71 -0.70
N ILE D 55 28.93 5.39 -1.74
CA ILE D 55 29.34 4.46 -2.83
C ILE D 55 29.07 5.09 -4.20
N LEU D 56 30.01 4.94 -5.13
CA LEU D 56 29.75 5.04 -6.59
C LEU D 56 29.79 3.61 -7.15
N GLU D 57 28.74 3.18 -7.84
CA GLU D 57 28.78 1.93 -8.62
C GLU D 57 29.25 2.29 -10.03
N ILE D 58 30.12 1.48 -10.62
CA ILE D 58 30.73 1.73 -11.96
C ILE D 58 30.54 0.47 -12.83
N ALA D 59 30.42 0.66 -14.15
CA ALA D 59 30.33 -0.44 -15.13
C ALA D 59 31.73 -1.06 -15.29
N ALA D 60 31.80 -2.39 -15.34
CA ALA D 60 33.05 -3.18 -15.46
C ALA D 60 33.63 -3.05 -16.88
N SER D 61 32.81 -2.76 -17.88
CA SER D 61 33.16 -2.76 -19.33
C SER D 61 34.55 -2.17 -19.58
N PRO D 62 34.83 -0.89 -19.21
CA PRO D 62 36.14 -0.29 -19.46
C PRO D 62 37.33 -0.82 -18.64
N LEU D 63 37.09 -1.53 -17.53
CA LEU D 63 38.16 -1.89 -16.54
C LEU D 63 39.20 -2.82 -17.15
N PRO D 64 38.84 -3.78 -18.04
CA PRO D 64 39.85 -4.60 -18.73
C PRO D 64 40.84 -3.81 -19.61
N PHE D 65 40.42 -2.64 -20.12
CA PHE D 65 41.23 -1.73 -20.96
C PHE D 65 42.12 -0.81 -20.09
N TYR D 66 42.08 -0.93 -18.76
CA TYR D 66 42.84 -0.05 -17.81
C TYR D 66 44.25 -0.62 -17.61
N SER D 67 45.27 0.23 -17.72
CA SER D 67 46.68 -0.06 -17.33
C SER D 67 46.75 -0.13 -15.80
N ASP D 68 47.87 -0.62 -15.24
CA ASP D 68 48.07 -0.73 -13.77
C ASP D 68 48.08 0.67 -13.13
N ILE D 69 48.60 1.68 -13.86
CA ILE D 69 48.68 3.09 -13.40
C ILE D 69 47.25 3.64 -13.27
N GLN D 70 46.40 3.36 -14.26
CA GLN D 70 44.98 3.80 -14.30
C GLN D 70 44.20 3.20 -13.12
N ILE D 71 44.37 1.90 -12.83
CA ILE D 71 43.78 1.24 -11.63
C ILE D 71 44.10 2.07 -10.40
N ASN D 72 45.39 2.34 -10.16
CA ASN D 72 45.90 3.00 -8.93
C ASN D 72 45.40 4.45 -8.87
N GLU D 73 45.25 5.10 -10.02
CA GLU D 73 44.64 6.46 -10.13
C GLU D 73 43.22 6.43 -9.57
N LEU D 74 42.38 5.49 -10.04
CA LEU D 74 40.93 5.41 -9.70
C LEU D 74 40.79 5.07 -8.21
N LYS D 75 41.54 4.06 -7.74
CA LYS D 75 41.66 3.68 -6.30
C LYS D 75 42.05 4.91 -5.47
N ALA D 76 43.00 5.73 -5.95
CA ALA D 76 43.50 6.94 -5.26
C ALA D 76 42.40 8.01 -5.21
N CYS D 77 41.68 8.21 -6.31
CA CYS D 77 40.55 9.17 -6.39
C CYS D 77 39.46 8.76 -5.38
N ALA D 78 39.09 7.47 -5.38
CA ALA D 78 38.04 6.89 -4.52
C ALA D 78 38.42 7.12 -3.05
N HIS D 79 39.60 6.64 -2.64
CA HIS D 79 40.13 6.77 -1.27
C HIS D 79 40.17 8.27 -0.87
N GLY D 80 40.61 9.13 -1.79
CA GLY D 80 40.76 10.57 -1.55
C GLY D 80 39.45 11.25 -1.22
N ASN D 81 38.35 10.79 -1.82
CA ASN D 81 37.00 11.42 -1.70
C ASN D 81 36.15 10.65 -0.69
N GLY D 82 36.71 9.61 -0.05
CA GLY D 82 36.02 8.77 0.95
C GLY D 82 34.87 7.97 0.33
N ILE D 83 35.00 7.58 -0.95
CA ILE D 83 33.97 6.82 -1.72
C ILE D 83 34.44 5.37 -1.83
N THR D 84 33.53 4.43 -1.55
CA THR D 84 33.71 2.98 -1.85
C THR D 84 33.19 2.72 -3.27
N LEU D 85 33.92 1.93 -4.05
CA LEU D 85 33.54 1.56 -5.44
C LEU D 85 32.94 0.15 -5.42
N THR D 86 31.75 0.00 -6.01
CA THR D 86 31.14 -1.31 -6.37
C THR D 86 31.05 -1.39 -7.89
N VAL D 87 30.95 -2.60 -8.44
CA VAL D 87 30.97 -2.80 -9.91
C VAL D 87 29.72 -3.57 -10.34
N GLY D 88 29.04 -3.05 -11.35
CA GLY D 88 27.98 -3.75 -12.11
C GLY D 88 28.53 -4.23 -13.44
N HIS D 89 28.06 -5.37 -13.93
CA HIS D 89 28.44 -5.91 -15.26
C HIS D 89 27.24 -6.58 -15.92
N GLY D 90 26.96 -6.20 -17.17
CA GLY D 90 26.10 -6.93 -18.11
C GLY D 90 26.99 -7.76 -19.03
N PRO D 91 27.18 -9.08 -18.77
CA PRO D 91 28.07 -9.88 -19.59
C PRO D 91 27.61 -9.89 -21.06
N SER D 92 28.56 -9.84 -21.99
CA SER D 92 28.33 -10.09 -23.44
C SER D 92 28.10 -11.60 -23.64
N ALA D 93 27.62 -11.97 -24.83
CA ALA D 93 27.32 -13.37 -25.22
C ALA D 93 28.56 -14.26 -25.03
N GLU D 94 29.77 -13.74 -25.26
CA GLU D 94 31.02 -14.56 -25.19
C GLU D 94 31.53 -14.66 -23.75
N GLN D 95 30.87 -13.98 -22.79
CA GLN D 95 31.20 -14.05 -21.34
C GLN D 95 30.12 -14.84 -20.59
N ASN D 96 29.34 -15.64 -21.33
CA ASN D 96 28.15 -16.40 -20.82
C ASN D 96 28.61 -17.68 -20.13
N LEU D 97 28.68 -17.67 -18.80
CA LEU D 97 29.12 -18.83 -17.98
C LEU D 97 28.16 -20.02 -18.13
N SER D 98 26.96 -19.80 -18.66
CA SER D 98 25.90 -20.85 -18.80
C SER D 98 25.96 -21.50 -20.19
N SER D 99 26.74 -20.94 -21.12
CA SER D 99 26.80 -21.36 -22.55
C SER D 99 27.02 -22.87 -22.68
N PRO D 100 26.30 -23.56 -23.58
CA PRO D 100 26.57 -24.97 -23.87
C PRO D 100 27.91 -25.17 -24.60
N ASP D 101 28.43 -24.10 -25.24
CA ASP D 101 29.72 -24.08 -25.99
C ASP D 101 30.87 -23.94 -25.00
N PRO D 102 31.71 -24.99 -24.83
CA PRO D 102 32.77 -24.96 -23.81
C PRO D 102 33.86 -23.92 -24.07
N ASP D 103 33.99 -23.44 -25.31
CA ASP D 103 34.94 -22.35 -25.68
C ASP D 103 34.45 -21.02 -25.09
N ILE D 104 33.15 -20.74 -25.18
CA ILE D 104 32.53 -19.52 -24.56
C ILE D 104 32.68 -19.62 -23.05
N ARG D 105 32.44 -20.79 -22.46
CA ARG D 105 32.60 -21.00 -20.99
C ARG D 105 34.06 -20.75 -20.58
N LYS D 106 35.00 -21.32 -21.33
CA LYS D 106 36.47 -21.12 -21.16
C LYS D 106 36.80 -19.61 -21.18
N ASN D 107 36.37 -18.91 -22.23
CA ASN D 107 36.64 -17.45 -22.41
C ASN D 107 36.01 -16.65 -21.27
N ALA D 108 34.76 -16.99 -20.89
CA ALA D 108 34.01 -16.34 -19.80
C ALA D 108 34.83 -16.39 -18.51
N LYS D 109 35.33 -17.58 -18.16
CA LYS D 109 36.09 -17.83 -16.89
C LYS D 109 37.39 -17.03 -16.93
N ALA D 110 38.07 -16.97 -18.08
CA ALA D 110 39.27 -16.15 -18.34
C ALA D 110 38.93 -14.67 -18.08
N PHE D 111 37.86 -14.18 -18.73
CA PHE D 111 37.38 -12.78 -18.59
C PHE D 111 37.17 -12.44 -17.11
N TYR D 112 36.44 -13.27 -16.36
CA TYR D 112 36.09 -13.02 -14.94
C TYR D 112 37.35 -13.08 -14.08
N THR D 113 38.23 -14.05 -14.34
CA THR D 113 39.51 -14.25 -13.60
C THR D 113 40.35 -12.97 -13.70
N ASP D 114 40.52 -12.42 -14.90
CA ASP D 114 41.23 -11.15 -15.14
C ASP D 114 40.50 -10.00 -14.44
N LEU D 115 39.18 -9.87 -14.67
CA LEU D 115 38.34 -8.77 -14.09
C LEU D 115 38.45 -8.81 -12.55
N LEU D 116 38.36 -10.00 -11.94
CA LEU D 116 38.40 -10.16 -10.46
C LEU D 116 39.78 -9.75 -9.91
N LYS D 117 40.86 -9.98 -10.67
CA LYS D 117 42.24 -9.60 -10.27
C LYS D 117 42.36 -8.07 -10.31
N ARG D 118 41.83 -7.44 -11.36
CA ARG D 118 41.79 -5.95 -11.50
C ARG D 118 41.02 -5.36 -10.31
N LEU D 119 39.85 -5.94 -10.00
CA LEU D 119 38.98 -5.54 -8.85
C LEU D 119 39.81 -5.57 -7.56
N TYR D 120 40.61 -6.62 -7.35
CA TYR D 120 41.49 -6.77 -6.15
C TYR D 120 42.44 -5.57 -6.04
N LYS D 121 43.05 -5.19 -7.16
CA LYS D 121 44.00 -4.05 -7.26
C LYS D 121 43.26 -2.73 -7.08
N LEU D 122 42.03 -2.63 -7.61
CA LEU D 122 41.16 -1.42 -7.52
C LEU D 122 40.66 -1.22 -6.09
N ASP D 123 40.73 -2.26 -5.25
CA ASP D 123 40.20 -2.30 -3.87
C ASP D 123 38.67 -2.33 -3.92
N VAL D 124 38.12 -3.10 -4.86
CA VAL D 124 36.65 -3.32 -5.02
C VAL D 124 36.34 -4.72 -4.46
N HIS D 125 35.33 -4.81 -3.59
CA HIS D 125 34.97 -6.04 -2.84
C HIS D 125 33.57 -6.54 -3.22
N LEU D 126 32.97 -5.97 -4.27
CA LEU D 126 31.61 -6.38 -4.73
C LEU D 126 31.45 -6.14 -6.22
N ILE D 127 31.01 -7.18 -6.94
CA ILE D 127 30.53 -7.11 -8.35
C ILE D 127 29.13 -7.75 -8.41
N GLY D 128 28.24 -7.17 -9.22
CA GLY D 128 26.84 -7.62 -9.34
C GLY D 128 26.34 -7.50 -10.76
N GLY D 129 25.29 -8.26 -11.09
CA GLY D 129 24.66 -8.31 -12.42
C GLY D 129 24.28 -9.74 -12.77
N ALA D 130 23.90 -9.99 -14.02
CA ALA D 130 23.49 -11.34 -14.52
C ALA D 130 24.74 -12.18 -14.77
N LEU D 131 25.56 -12.38 -13.73
CA LEU D 131 26.92 -12.97 -13.84
C LEU D 131 26.83 -14.48 -14.09
N TYR D 132 25.65 -15.08 -13.89
CA TYR D 132 25.34 -16.51 -14.15
C TYR D 132 25.04 -16.71 -15.64
N SER D 133 24.80 -15.62 -16.38
CA SER D 133 24.31 -15.63 -17.78
C SER D 133 24.96 -14.48 -18.56
N TYR D 134 24.18 -13.77 -19.38
CA TYR D 134 24.63 -12.56 -20.10
C TYR D 134 23.44 -11.59 -20.22
N TRP D 135 23.72 -10.35 -20.63
CA TRP D 135 22.73 -9.25 -20.66
C TRP D 135 23.23 -8.16 -21.58
N PRO D 136 22.40 -7.66 -22.54
CA PRO D 136 21.09 -8.22 -22.82
C PRO D 136 21.20 -9.58 -23.52
N ILE D 137 20.16 -10.42 -23.46
CA ILE D 137 20.16 -11.77 -24.11
C ILE D 137 19.41 -11.69 -25.44
N ASP D 138 19.73 -12.62 -26.34
CA ASP D 138 18.94 -12.94 -27.55
C ASP D 138 17.86 -13.94 -27.13
N TYR D 139 16.60 -13.49 -27.10
CA TYR D 139 15.42 -14.25 -26.64
C TYR D 139 14.75 -14.97 -27.83
N THR D 140 15.29 -14.83 -29.04
CA THR D 140 14.79 -15.49 -30.27
C THR D 140 15.34 -16.94 -30.31
N LYS D 141 16.41 -17.19 -29.56
CA LYS D 141 17.06 -18.53 -29.42
C LYS D 141 16.12 -19.48 -28.67
N THR D 142 16.19 -20.78 -28.98
CA THR D 142 15.54 -21.87 -28.19
C THR D 142 16.15 -21.86 -26.79
N ILE D 143 15.31 -21.86 -25.76
CA ILE D 143 15.73 -21.73 -24.33
C ILE D 143 15.88 -23.14 -23.74
N ASP D 144 17.06 -23.43 -23.19
CA ASP D 144 17.37 -24.66 -22.41
C ASP D 144 17.65 -24.24 -20.97
N LYS D 145 16.60 -23.95 -20.19
CA LYS D 145 16.73 -23.40 -18.81
C LYS D 145 17.46 -24.41 -17.92
N LYS D 146 17.07 -25.68 -17.96
CA LYS D 146 17.66 -26.72 -17.08
C LYS D 146 19.16 -26.86 -17.41
N GLY D 147 19.51 -27.00 -18.69
CA GLY D 147 20.90 -27.13 -19.16
C GLY D 147 21.74 -25.92 -18.77
N ASP D 148 21.27 -24.71 -19.10
CA ASP D 148 21.98 -23.43 -18.81
C ASP D 148 22.17 -23.29 -17.31
N TRP D 149 21.16 -23.65 -16.52
CA TRP D 149 21.18 -23.62 -15.03
C TRP D 149 22.31 -24.53 -14.50
N GLU D 150 22.37 -25.79 -14.93
CA GLU D 150 23.38 -26.79 -14.45
C GLU D 150 24.79 -26.28 -14.77
N ARG D 151 25.03 -25.89 -16.03
CA ARG D 151 26.35 -25.35 -16.49
C ARG D 151 26.69 -24.10 -15.68
N SER D 152 25.75 -23.15 -15.56
CA SER D 152 25.99 -21.87 -14.86
C SER D 152 26.43 -22.13 -13.42
N VAL D 153 25.74 -23.01 -12.69
CA VAL D 153 26.07 -23.31 -11.27
C VAL D 153 27.53 -23.76 -11.20
N GLU D 154 27.92 -24.73 -12.04
CA GLU D 154 29.30 -25.28 -12.09
C GLU D 154 30.29 -24.16 -12.44
N SER D 155 30.01 -23.39 -13.50
CA SER D 155 30.85 -22.26 -13.98
C SER D 155 31.05 -21.23 -12.85
N VAL D 156 29.97 -20.85 -12.17
CA VAL D 156 29.98 -19.80 -11.10
C VAL D 156 30.78 -20.30 -9.89
N ARG D 157 30.67 -21.60 -9.57
CA ARG D 157 31.41 -22.22 -8.44
C ARG D 157 32.92 -22.08 -8.67
N GLU D 158 33.39 -22.32 -9.89
CA GLU D 158 34.83 -22.18 -10.26
C GLU D 158 35.26 -20.71 -10.14
N VAL D 159 34.46 -19.78 -10.67
CA VAL D 159 34.76 -18.32 -10.64
C VAL D 159 34.77 -17.84 -9.18
N ALA D 160 33.96 -18.46 -8.32
CA ALA D 160 33.82 -18.11 -6.88
C ALA D 160 35.17 -18.30 -6.17
N LYS D 161 35.93 -19.34 -6.51
CA LYS D 161 37.29 -19.62 -5.95
C LYS D 161 38.18 -18.40 -6.20
N VAL D 162 38.15 -17.87 -7.42
CA VAL D 162 38.94 -16.66 -7.84
C VAL D 162 38.42 -15.44 -7.08
N ALA D 163 37.09 -15.32 -6.94
CA ALA D 163 36.41 -14.22 -6.21
C ALA D 163 36.84 -14.25 -4.73
N GLU D 164 36.88 -15.45 -4.13
CA GLU D 164 37.34 -15.66 -2.74
C GLU D 164 38.78 -15.18 -2.56
N ALA D 165 39.64 -15.46 -3.55
CA ALA D 165 41.08 -15.09 -3.55
C ALA D 165 41.22 -13.57 -3.69
N CYS D 166 40.42 -12.97 -4.58
CA CYS D 166 40.47 -11.51 -4.89
C CYS D 166 39.68 -10.70 -3.84
N GLY D 167 39.07 -11.37 -2.86
CA GLY D 167 38.30 -10.73 -1.76
C GLY D 167 37.07 -10.00 -2.29
N VAL D 168 36.30 -10.64 -3.17
CA VAL D 168 35.16 -10.03 -3.92
C VAL D 168 33.90 -10.85 -3.66
N ASP D 169 32.79 -10.17 -3.34
CA ASP D 169 31.43 -10.77 -3.28
C ASP D 169 30.86 -10.81 -4.70
N PHE D 170 30.59 -12.02 -5.21
CA PHE D 170 30.09 -12.30 -6.57
C PHE D 170 28.56 -12.35 -6.50
N CYS D 171 27.90 -11.24 -6.84
CA CYS D 171 26.46 -11.00 -6.58
C CYS D 171 25.63 -11.28 -7.84
N LEU D 172 24.73 -12.27 -7.76
CA LEU D 172 23.86 -12.73 -8.88
C LEU D 172 22.53 -11.96 -8.84
N GLU D 173 22.32 -11.09 -9.82
CA GLU D 173 21.12 -10.20 -9.88
C GLU D 173 19.90 -11.01 -10.32
N VAL D 174 18.87 -11.01 -9.49
CA VAL D 174 17.53 -11.57 -9.85
C VAL D 174 16.87 -10.56 -10.81
N LEU D 175 16.53 -11.00 -12.02
CA LEU D 175 16.03 -10.13 -13.11
C LEU D 175 14.59 -10.52 -13.47
N ASN D 176 13.84 -9.55 -14.01
CA ASN D 176 12.47 -9.79 -14.53
C ASN D 176 12.57 -10.65 -15.79
N ARG D 177 11.49 -11.35 -16.11
CA ARG D 177 11.38 -12.33 -17.22
C ARG D 177 11.75 -11.74 -18.59
N PHE D 178 11.64 -10.42 -18.78
CA PHE D 178 11.88 -9.77 -20.09
C PHE D 178 13.38 -9.69 -20.37
N GLU D 179 14.20 -9.78 -19.32
CA GLU D 179 15.66 -9.55 -19.41
C GLU D 179 16.43 -10.86 -19.25
N ASN D 180 15.87 -11.85 -18.54
CA ASN D 180 16.48 -13.20 -18.46
C ASN D 180 15.42 -14.24 -18.05
N TYR D 181 15.71 -15.52 -18.28
CA TYR D 181 14.82 -16.68 -18.03
C TYR D 181 15.34 -17.54 -16.88
N LEU D 182 16.59 -17.37 -16.44
CA LEU D 182 17.25 -18.29 -15.47
C LEU D 182 16.75 -18.03 -14.05
N ILE D 183 16.84 -16.77 -13.59
CA ILE D 183 16.56 -16.40 -12.17
C ILE D 183 15.66 -15.17 -12.15
N ASN D 184 14.35 -15.38 -11.89
CA ASN D 184 13.30 -14.33 -11.96
C ASN D 184 12.79 -13.97 -10.56
N THR D 185 12.97 -14.82 -9.55
CA THR D 185 12.51 -14.58 -8.16
C THR D 185 13.66 -14.76 -7.17
N ALA D 186 13.49 -14.21 -5.96
CA ALA D 186 14.44 -14.32 -4.83
C ALA D 186 14.62 -15.81 -4.48
N GLN D 187 13.51 -16.56 -4.52
CA GLN D 187 13.52 -18.02 -4.23
C GLN D 187 14.45 -18.74 -5.22
N GLU D 188 14.27 -18.50 -6.52
CA GLU D 188 15.15 -19.05 -7.59
C GLU D 188 16.60 -18.61 -7.30
N GLY D 189 16.81 -17.34 -6.96
CA GLY D 189 18.12 -16.77 -6.60
C GLY D 189 18.78 -17.56 -5.47
N VAL D 190 18.05 -17.80 -4.39
CA VAL D 190 18.52 -18.56 -3.20
C VAL D 190 18.84 -20.00 -3.61
N ASP D 191 17.96 -20.66 -4.36
CA ASP D 191 18.14 -22.07 -4.81
C ASP D 191 19.43 -22.18 -5.63
N PHE D 192 19.70 -21.20 -6.50
CA PHE D 192 20.89 -21.20 -7.39
C PHE D 192 22.15 -21.04 -6.52
N VAL D 193 22.18 -20.01 -5.70
CA VAL D 193 23.34 -19.66 -4.82
C VAL D 193 23.61 -20.83 -3.87
N LYS D 194 22.58 -21.42 -3.28
CA LYS D 194 22.72 -22.56 -2.34
C LYS D 194 23.27 -23.79 -3.08
N GLN D 195 22.89 -23.98 -4.35
CA GLN D 195 23.38 -25.08 -5.20
C GLN D 195 24.86 -24.83 -5.54
N VAL D 196 25.25 -23.57 -5.76
CA VAL D 196 26.67 -23.16 -6.01
C VAL D 196 27.50 -23.49 -4.75
N ASP D 197 26.91 -23.24 -3.58
CA ASP D 197 27.45 -23.65 -2.26
C ASP D 197 28.85 -23.06 -2.09
N HIS D 198 28.97 -21.73 -2.04
CA HIS D 198 30.25 -20.99 -1.88
C HIS D 198 30.00 -19.62 -1.25
N ASN D 199 30.83 -19.26 -0.28
CA ASN D 199 30.60 -18.12 0.65
C ASN D 199 30.66 -16.77 -0.09
N ASN D 200 31.37 -16.68 -1.22
CA ASN D 200 31.59 -15.42 -1.98
C ASN D 200 30.52 -15.23 -3.06
N VAL D 201 29.56 -16.14 -3.17
CA VAL D 201 28.45 -16.02 -4.16
C VAL D 201 27.18 -15.60 -3.39
N LYS D 202 26.58 -14.50 -3.80
CA LYS D 202 25.45 -13.87 -3.08
C LYS D 202 24.28 -13.67 -4.04
N VAL D 203 23.07 -13.58 -3.48
CA VAL D 203 21.85 -13.10 -4.19
C VAL D 203 21.87 -11.58 -4.18
N MET D 204 21.49 -10.97 -5.30
CA MET D 204 21.29 -9.51 -5.43
C MET D 204 19.86 -9.25 -5.87
N LEU D 205 19.14 -8.42 -5.11
CA LEU D 205 17.74 -8.03 -5.42
C LEU D 205 17.74 -6.58 -5.91
N ASP D 206 16.72 -6.26 -6.71
CA ASP D 206 16.52 -4.95 -7.36
C ASP D 206 15.03 -4.63 -7.27
N THR D 207 14.68 -3.50 -6.64
CA THR D 207 13.28 -3.06 -6.42
C THR D 207 12.53 -3.08 -7.75
N PHE D 208 13.20 -2.70 -8.85
CA PHE D 208 12.62 -2.65 -10.22
C PHE D 208 12.20 -4.06 -10.66
N HIS D 209 13.06 -5.05 -10.46
CA HIS D 209 12.85 -6.45 -10.91
C HIS D 209 11.89 -7.17 -9.97
N MET D 210 12.04 -6.99 -8.66
CA MET D 210 11.12 -7.52 -7.63
C MET D 210 9.70 -7.03 -7.93
N ASN D 211 9.57 -5.76 -8.29
CA ASN D 211 8.28 -5.09 -8.56
C ASN D 211 7.47 -5.88 -9.61
N ILE D 212 8.15 -6.54 -10.55
CA ILE D 212 7.49 -7.34 -11.61
C ILE D 212 7.19 -8.75 -11.09
N GLU D 213 8.18 -9.48 -10.56
CA GLU D 213 8.11 -10.97 -10.46
C GLU D 213 7.57 -11.44 -9.11
N GLU D 214 7.68 -10.64 -8.05
CA GLU D 214 7.52 -11.15 -6.66
C GLU D 214 6.06 -11.06 -6.23
N ASP D 215 5.58 -12.08 -5.50
CA ASP D 215 4.27 -12.00 -4.79
C ASP D 215 4.38 -10.91 -3.71
N SER D 216 5.51 -10.88 -3.00
CA SER D 216 5.75 -10.03 -1.81
C SER D 216 7.17 -9.46 -1.85
N ILE D 217 7.30 -8.14 -1.68
CA ILE D 217 8.63 -7.46 -1.65
C ILE D 217 9.31 -7.80 -0.32
N GLY D 218 8.63 -7.56 0.80
CA GLY D 218 9.11 -7.98 2.14
C GLY D 218 9.44 -9.45 2.16
N GLY D 219 8.59 -10.29 1.58
CA GLY D 219 8.75 -11.76 1.57
C GLY D 219 9.95 -12.19 0.75
N ALA D 220 10.19 -11.54 -0.39
CA ALA D 220 11.36 -11.82 -1.25
C ALA D 220 12.65 -11.52 -0.46
N ILE D 221 12.70 -10.38 0.22
CA ILE D 221 13.90 -9.95 1.00
C ILE D 221 14.13 -10.97 2.14
N ARG D 222 13.07 -11.36 2.85
CA ARG D 222 13.17 -12.36 3.95
C ARG D 222 13.59 -13.71 3.37
N THR D 223 13.13 -14.06 2.16
CA THR D 223 13.53 -15.30 1.44
C THR D 223 15.04 -15.25 1.17
N ALA D 224 15.56 -14.12 0.69
CA ALA D 224 16.99 -13.91 0.40
C ALA D 224 17.79 -14.06 1.70
N GLY D 225 17.33 -13.42 2.78
CA GLY D 225 17.93 -13.48 4.13
C GLY D 225 19.44 -13.32 4.06
N SER D 226 20.19 -14.30 4.58
CA SER D 226 21.67 -14.25 4.73
C SER D 226 22.36 -14.25 3.37
N TYR D 227 21.67 -14.66 2.30
CA TYR D 227 22.24 -14.77 0.94
C TYR D 227 22.24 -13.41 0.25
N LEU D 228 21.54 -12.42 0.79
CA LEU D 228 21.43 -11.07 0.17
C LEU D 228 22.74 -10.32 0.37
N GLY D 229 23.48 -10.08 -0.73
CA GLY D 229 24.81 -9.45 -0.71
C GLY D 229 24.77 -8.02 -1.21
N HIS D 230 23.73 -7.65 -1.96
CA HIS D 230 23.60 -6.32 -2.61
C HIS D 230 22.13 -6.04 -2.93
N LEU D 231 21.76 -4.77 -2.87
CA LEU D 231 20.38 -4.30 -3.17
C LEU D 231 20.49 -3.08 -4.09
N HIS D 232 19.83 -3.16 -5.24
CA HIS D 232 19.62 -2.01 -6.16
C HIS D 232 18.22 -1.42 -5.90
N THR D 233 18.12 -0.10 -5.92
CA THR D 233 16.86 0.63 -5.68
C THR D 233 16.53 1.49 -6.89
N GLY D 234 15.24 1.72 -7.07
CA GLY D 234 14.64 2.51 -8.16
C GLY D 234 13.14 2.31 -8.10
N GLU D 235 12.39 3.29 -8.56
CA GLU D 235 10.91 3.22 -8.61
C GLU D 235 10.52 2.19 -9.68
N CYS D 236 9.23 1.87 -9.74
CA CYS D 236 8.66 0.90 -10.70
C CYS D 236 9.14 1.18 -12.12
N ASN D 237 9.25 2.47 -12.49
CA ASN D 237 9.63 2.94 -13.85
C ASN D 237 11.07 3.49 -13.86
N ARG D 238 11.85 3.19 -12.81
CA ARG D 238 13.32 3.43 -12.70
C ARG D 238 13.63 4.90 -12.41
N LYS D 239 12.66 5.67 -11.91
CA LYS D 239 12.93 7.00 -11.31
C LYS D 239 13.71 6.79 -10.01
N VAL D 240 14.34 7.86 -9.50
CA VAL D 240 15.04 7.84 -8.19
C VAL D 240 14.03 7.47 -7.11
N PRO D 241 14.43 6.75 -6.05
CA PRO D 241 13.49 6.36 -4.98
C PRO D 241 12.74 7.51 -4.31
N GLY D 242 11.44 7.31 -4.06
CA GLY D 242 10.70 8.03 -3.01
C GLY D 242 9.30 8.47 -3.42
N ARG D 243 9.09 8.85 -4.69
CA ARG D 243 7.81 9.50 -5.12
C ARG D 243 6.96 8.55 -5.97
N GLY D 244 7.39 7.31 -6.15
CA GLY D 244 6.64 6.27 -6.89
C GLY D 244 5.96 5.28 -5.96
N ARG D 245 5.69 4.07 -6.47
CA ARG D 245 4.79 3.09 -5.82
C ARG D 245 5.60 2.01 -5.09
N ILE D 246 6.93 2.03 -5.14
CA ILE D 246 7.76 1.01 -4.43
C ILE D 246 7.47 1.13 -2.93
N PRO D 247 7.23 0.00 -2.23
CA PRO D 247 6.95 0.01 -0.79
C PRO D 247 8.24 0.08 0.06
N TRP D 248 8.80 1.28 0.19
CA TRP D 248 10.14 1.54 0.78
C TRP D 248 10.14 1.16 2.28
N VAL D 249 9.06 1.50 2.99
CA VAL D 249 8.94 1.19 4.44
C VAL D 249 9.00 -0.33 4.63
N GLU D 250 8.23 -1.08 3.84
CA GLU D 250 8.19 -2.57 3.85
C GLU D 250 9.61 -3.12 3.59
N ILE D 251 10.35 -2.50 2.66
CA ILE D 251 11.75 -2.90 2.35
C ILE D 251 12.63 -2.66 3.57
N GLY D 252 12.61 -1.46 4.16
CA GLY D 252 13.37 -1.14 5.38
C GLY D 252 13.12 -2.18 6.46
N GLU D 253 11.85 -2.49 6.69
CA GLU D 253 11.40 -3.49 7.69
C GLU D 253 12.04 -4.85 7.42
N ALA D 254 11.98 -5.34 6.17
CA ALA D 254 12.48 -6.68 5.80
C ALA D 254 14.02 -6.70 5.90
N LEU D 255 14.69 -5.60 5.58
CA LEU D 255 16.17 -5.49 5.69
C LEU D 255 16.57 -5.59 7.17
N ALA D 256 15.78 -4.99 8.07
CA ALA D 256 15.98 -5.05 9.53
C ALA D 256 15.73 -6.49 10.02
N ASP D 257 14.69 -7.14 9.49
CA ASP D 257 14.33 -8.54 9.82
C ASP D 257 15.49 -9.50 9.50
N ILE D 258 16.22 -9.27 8.40
CA ILE D 258 17.33 -10.18 7.96
C ILE D 258 18.66 -9.61 8.45
N GLY D 259 18.65 -8.49 9.20
CA GLY D 259 19.85 -7.81 9.71
C GLY D 259 20.84 -7.52 8.59
N TYR D 260 20.36 -6.91 7.52
CA TYR D 260 21.12 -6.71 6.25
C TYR D 260 22.40 -5.93 6.57
N ASN D 261 23.56 -6.51 6.23
CA ASN D 261 24.93 -6.00 6.52
C ASN D 261 25.52 -5.32 5.27
N GLY D 262 24.75 -5.22 4.18
CA GLY D 262 25.26 -4.79 2.87
C GLY D 262 24.92 -3.35 2.56
N SER D 263 25.18 -2.94 1.32
CA SER D 263 24.99 -1.57 0.81
C SER D 263 23.71 -1.50 -0.04
N VAL D 264 23.24 -0.28 -0.27
CA VAL D 264 22.03 0.02 -1.07
C VAL D 264 22.45 1.01 -2.15
N VAL D 265 22.45 0.58 -3.41
CA VAL D 265 22.84 1.43 -4.57
C VAL D 265 21.59 1.71 -5.41
N MET D 266 21.20 2.99 -5.52
CA MET D 266 20.10 3.39 -6.43
C MET D 266 20.62 3.34 -7.87
N GLU D 267 19.75 2.88 -8.77
CA GLU D 267 20.07 2.56 -10.18
C GLU D 267 19.00 3.21 -11.05
N PRO D 268 18.85 4.55 -10.96
CA PRO D 268 17.80 5.24 -11.70
C PRO D 268 18.25 5.50 -13.14
N PHE D 269 17.30 5.39 -14.06
CA PHE D 269 17.47 5.63 -15.52
C PHE D 269 16.28 6.46 -16.00
N VAL D 270 16.49 7.73 -16.33
CA VAL D 270 15.40 8.70 -16.61
C VAL D 270 15.62 9.41 -17.96
N ARG D 271 16.68 9.06 -18.70
CA ARG D 271 17.06 9.76 -19.96
C ARG D 271 17.03 8.78 -21.15
N MET D 272 16.44 9.24 -22.25
CA MET D 272 16.51 8.59 -23.59
C MET D 272 17.90 8.80 -24.18
N GLY D 273 18.26 8.02 -25.21
CA GLY D 273 19.43 8.26 -26.08
C GLY D 273 20.60 7.35 -25.73
N GLY D 274 21.40 7.00 -26.74
CA GLY D 274 22.63 6.21 -26.56
C GLY D 274 22.35 4.75 -26.29
N THR D 275 23.39 3.97 -25.97
CA THR D 275 23.32 2.52 -25.67
C THR D 275 22.53 2.31 -24.37
N VAL D 276 22.69 3.20 -23.38
CA VAL D 276 21.99 3.11 -22.07
C VAL D 276 20.48 3.25 -22.30
N GLY D 277 20.05 4.34 -22.95
CA GLY D 277 18.64 4.58 -23.32
C GLY D 277 18.04 3.38 -24.03
N SER D 278 18.79 2.81 -24.97
CA SER D 278 18.37 1.64 -25.80
C SER D 278 18.26 0.38 -24.93
N ASN D 279 19.30 0.06 -24.17
CA ASN D 279 19.38 -1.18 -23.33
C ASN D 279 18.34 -1.14 -22.22
N ILE D 280 18.13 0.04 -21.61
CA ILE D 280 17.20 0.23 -20.46
C ILE D 280 15.79 0.48 -21.00
N LYS D 281 15.67 0.73 -22.31
CA LYS D 281 14.38 0.86 -23.04
C LYS D 281 13.61 2.06 -22.50
N VAL D 282 14.29 3.21 -22.37
CA VAL D 282 13.67 4.53 -22.04
C VAL D 282 13.25 5.17 -23.36
N TRP D 283 11.94 5.19 -23.66
CA TRP D 283 11.38 5.64 -24.96
C TRP D 283 10.57 6.92 -24.80
N ARG D 284 10.71 7.59 -23.65
CA ARG D 284 10.06 8.88 -23.32
C ARG D 284 10.97 9.59 -22.32
N ASP D 285 10.88 10.91 -22.23
CA ASP D 285 11.73 11.71 -21.29
C ASP D 285 11.13 11.58 -19.88
N ILE D 286 11.48 10.51 -19.19
CA ILE D 286 11.08 10.25 -17.78
C ILE D 286 11.69 11.34 -16.88
N SER D 287 12.78 11.99 -17.31
CA SER D 287 13.52 13.02 -16.53
C SER D 287 12.74 14.35 -16.50
N ASN D 288 11.74 14.51 -17.37
CA ASN D 288 10.97 15.77 -17.55
C ASN D 288 11.96 16.94 -17.67
N GLY D 289 12.85 16.88 -18.66
CA GLY D 289 13.74 17.97 -19.10
C GLY D 289 14.76 18.38 -18.03
N ALA D 290 15.17 17.45 -17.17
CA ALA D 290 16.15 17.70 -16.08
C ALA D 290 17.54 17.89 -16.67
N ASP D 291 18.24 18.98 -16.30
CA ASP D 291 19.68 19.19 -16.60
C ASP D 291 20.51 18.47 -15.53
N GLU D 292 21.83 18.49 -15.63
CA GLU D 292 22.75 17.76 -14.70
C GLU D 292 22.47 18.21 -13.26
N LYS D 293 22.32 19.52 -13.05
CA LYS D 293 22.06 20.15 -11.72
C LYS D 293 20.78 19.56 -11.12
N MET D 294 19.71 19.47 -11.92
CA MET D 294 18.41 18.89 -11.50
C MET D 294 18.59 17.40 -11.15
N LEU D 295 19.32 16.65 -11.97
CA LEU D 295 19.58 15.20 -11.72
C LEU D 295 20.33 15.05 -10.38
N ASP D 296 21.29 15.94 -10.11
CA ASP D 296 22.07 15.96 -8.84
C ASP D 296 21.11 16.14 -7.66
N ARG D 297 20.23 17.14 -7.74
CA ARG D 297 19.29 17.52 -6.65
C ARG D 297 18.35 16.35 -6.36
N GLU D 298 17.84 15.69 -7.40
CA GLU D 298 16.87 14.58 -7.24
C GLU D 298 17.57 13.37 -6.61
N ALA D 299 18.81 13.08 -7.01
CA ALA D 299 19.62 11.97 -6.45
C ALA D 299 19.87 12.24 -4.96
N GLN D 300 20.13 13.50 -4.59
CA GLN D 300 20.43 13.89 -3.20
C GLN D 300 19.15 13.76 -2.36
N ALA D 301 18.02 14.25 -2.88
CA ALA D 301 16.70 14.08 -2.25
C ALA D 301 16.44 12.58 -1.98
N ALA D 302 16.67 11.73 -2.99
CA ALA D 302 16.43 10.26 -2.94
C ALA D 302 17.37 9.61 -1.91
N LEU D 303 18.61 10.12 -1.79
CA LEU D 303 19.60 9.63 -0.80
C LEU D 303 19.11 9.94 0.61
N ASP D 304 18.70 11.19 0.87
CA ASP D 304 18.11 11.60 2.18
C ASP D 304 16.93 10.70 2.51
N PHE D 305 16.03 10.51 1.53
CA PHE D 305 14.83 9.66 1.65
C PHE D 305 15.27 8.23 2.00
N SER D 306 16.27 7.71 1.31
CA SER D 306 16.73 6.30 1.42
C SER D 306 17.34 6.05 2.80
N ARG D 307 18.22 6.94 3.26
CA ARG D 307 18.85 6.85 4.60
C ARG D 307 17.74 6.88 5.66
N TYR D 308 16.76 7.78 5.49
CA TYR D 308 15.66 8.03 6.46
C TYR D 308 14.75 6.80 6.55
N VAL D 309 14.25 6.32 5.40
CA VAL D 309 13.14 5.31 5.36
C VAL D 309 13.69 3.87 5.49
N LEU D 310 14.87 3.57 4.96
CA LEU D 310 15.33 2.16 4.82
C LEU D 310 16.06 1.65 6.09
N GLU D 311 16.45 2.51 7.03
CA GLU D 311 17.36 2.12 8.15
C GLU D 311 16.61 2.02 9.49
N CYS D 312 17.13 1.19 10.40
CA CYS D 312 16.89 1.20 11.88
C CYS D 312 15.51 0.66 12.28
N HIS D 313 14.88 -0.22 11.48
CA HIS D 313 13.62 -0.91 11.86
C HIS D 313 13.96 -2.06 12.82
#